data_7KCI
# 
_entry.id   7KCI 
# 
_audit_conform.dict_name       mmcif_pdbx.dic 
_audit_conform.dict_version    5.389 
_audit_conform.dict_location   http://mmcif.pdb.org/dictionaries/ascii/mmcif_pdbx.dic 
# 
loop_
_database_2.database_id 
_database_2.database_code 
_database_2.pdbx_database_accession 
_database_2.pdbx_DOI 
PDB   7KCI         pdb_00007kci 10.2210/pdb7kci/pdb 
NDB   BDJ061       ?            ?                   
WWPDB D_1000252240 ?            ?                   
# 
loop_
_pdbx_audit_revision_history.ordinal 
_pdbx_audit_revision_history.data_content_type 
_pdbx_audit_revision_history.major_revision 
_pdbx_audit_revision_history.minor_revision 
_pdbx_audit_revision_history.revision_date 
1 'Structure model' 1 0 2020-10-14 
2 'Structure model' 1 1 2020-10-21 
3 'Structure model' 1 2 2024-03-06 
4 'Structure model' 1 3 2024-04-03 
# 
_pdbx_audit_revision_details.ordinal             1 
_pdbx_audit_revision_details.revision_ordinal    1 
_pdbx_audit_revision_details.data_content_type   'Structure model' 
_pdbx_audit_revision_details.provider            repository 
_pdbx_audit_revision_details.type                'Initial release' 
_pdbx_audit_revision_details.description         ? 
_pdbx_audit_revision_details.details             ? 
# 
loop_
_pdbx_audit_revision_group.ordinal 
_pdbx_audit_revision_group.revision_ordinal 
_pdbx_audit_revision_group.data_content_type 
_pdbx_audit_revision_group.group 
1 2 'Structure model' 'Structure summary'      
2 3 'Structure model' 'Data collection'        
3 3 'Structure model' 'Database references'    
4 4 'Structure model' 'Refinement description' 
# 
loop_
_pdbx_audit_revision_category.ordinal 
_pdbx_audit_revision_category.revision_ordinal 
_pdbx_audit_revision_category.data_content_type 
_pdbx_audit_revision_category.category 
1 2 'Structure model' audit_author                  
2 3 'Structure model' chem_comp_atom                
3 3 'Structure model' chem_comp_bond                
4 3 'Structure model' database_2                    
5 4 'Structure model' pdbx_initial_refinement_model 
# 
loop_
_pdbx_audit_revision_item.ordinal 
_pdbx_audit_revision_item.revision_ordinal 
_pdbx_audit_revision_item.data_content_type 
_pdbx_audit_revision_item.item 
1 2 'Structure model' '_audit_author.name'                  
2 3 'Structure model' '_database_2.pdbx_DOI'                
3 3 'Structure model' '_database_2.pdbx_database_accession' 
# 
_pdbx_database_status.status_code                     REL 
_pdbx_database_status.status_code_sf                  AUTH 
_pdbx_database_status.status_code_mr                  ? 
_pdbx_database_status.entry_id                        7KCI 
_pdbx_database_status.recvd_initial_deposition_date   1994-09-12 
_pdbx_database_status.SG_entry                        N 
_pdbx_database_status.deposit_site                    RCSB 
_pdbx_database_status.process_site                    RCSB 
_pdbx_database_status.status_code_cs                  ? 
_pdbx_database_status.status_code_nmr_data            ? 
_pdbx_database_status.methods_development_category    ? 
_pdbx_database_status.pdb_format_compatible           Y 
# 
loop_
_audit_author.name 
_audit_author.pdbx_ordinal 
_audit_author.identifier_ORCID 
'Shakked, Z.'              1 ? 
'Guzikevich-Guerstein, G.' 2 ? 
'Frolow, F.'               3 ? 
'Rabinovich, D.'           4 ? 
'Joachimiak, A.'           5 ? 
'Sigler, P.B.'             6 ? 
# 
_citation.abstract                  ? 
_citation.abstract_id_CAS           ? 
_citation.book_id_ISBN              ? 
_citation.book_publisher            ? 
_citation.book_publisher_city       ? 
_citation.book_title                ? 
_citation.coordinate_linkage        ? 
_citation.country                   UK 
_citation.database_id_Medline       ? 
_citation.details                   ? 
_citation.id                        primary 
_citation.journal_abbrev            Nature 
_citation.journal_id_ASTM           NATUAS 
_citation.journal_id_CSD            0006 
_citation.journal_id_ISSN           0028-0836 
_citation.journal_full              ? 
_citation.journal_issue             ? 
_citation.journal_volume            368 
_citation.language                  ? 
_citation.page_first                469 
_citation.page_last                 473 
_citation.title                     
'Determinants of repressor/operator recognition from the structure of the trp operator binding site.' 
_citation.year                      1994 
_citation.database_id_CSD           ? 
_citation.pdbx_database_id_DOI      10.1038/368469a0 
_citation.pdbx_database_id_PubMed   8133895 
_citation.unpublished_flag          ? 
# 
loop_
_citation_author.citation_id 
_citation_author.name 
_citation_author.ordinal 
_citation_author.identifier_ORCID 
primary 'Shakked, Z.'              1 ? 
primary 'Guzikevich-Guerstein, G.' 2 ? 
primary 'Frolow, F.'               3 ? 
primary 'Rabinovich, D.'           4 ? 
primary 'Joachimiak, A.'           5 ? 
primary 'Sigler, P.B.'             6 ? 
# 
loop_
_entity.id 
_entity.type 
_entity.src_method 
_entity.pdbx_description 
_entity.formula_weight 
_entity.pdbx_number_of_molecules 
_entity.pdbx_ec 
_entity.pdbx_mutation 
_entity.pdbx_fragment 
_entity.details 
1 polymer syn 'Self-complementary deoxyoligonucleotide decamer d(CCACTAGTGG)' 3045.005 2   ? ? ? ? 
2 water   nat water                                                           18.015   121 ? ? ? ? 
# 
_entity_poly.entity_id                      1 
_entity_poly.type                           polydeoxyribonucleotide 
_entity_poly.nstd_linkage                   no 
_entity_poly.nstd_monomer                   no 
_entity_poly.pdbx_seq_one_letter_code       '(DC)(DC)(DA)(DC)(DT)(DA)(DG)(DT)(DG)(DG)' 
_entity_poly.pdbx_seq_one_letter_code_can   CCACTAGTGG 
_entity_poly.pdbx_strand_id                 A,B 
_entity_poly.pdbx_target_identifier         ? 
# 
_pdbx_entity_nonpoly.entity_id   2 
_pdbx_entity_nonpoly.name        water 
_pdbx_entity_nonpoly.comp_id     HOH 
# 
loop_
_entity_poly_seq.entity_id 
_entity_poly_seq.num 
_entity_poly_seq.mon_id 
_entity_poly_seq.hetero 
1 1  DC n 
1 2  DC n 
1 3  DA n 
1 4  DC n 
1 5  DT n 
1 6  DA n 
1 7  DG n 
1 8  DT n 
1 9  DG n 
1 10 DG n 
# 
_pdbx_entity_src_syn.entity_id              1 
_pdbx_entity_src_syn.pdbx_src_id            1 
_pdbx_entity_src_syn.pdbx_alt_source_flag   sample 
_pdbx_entity_src_syn.pdbx_beg_seq_num       1 
_pdbx_entity_src_syn.pdbx_end_seq_num       10 
_pdbx_entity_src_syn.organism_scientific    'synthetic construct' 
_pdbx_entity_src_syn.organism_common_name   ? 
_pdbx_entity_src_syn.ncbi_taxonomy_id       32630 
_pdbx_entity_src_syn.details                ? 
# 
loop_
_chem_comp.id 
_chem_comp.type 
_chem_comp.mon_nstd_flag 
_chem_comp.name 
_chem_comp.pdbx_synonyms 
_chem_comp.formula 
_chem_comp.formula_weight 
DA  'DNA linking' y "2'-DEOXYADENOSINE-5'-MONOPHOSPHATE" ? 'C10 H14 N5 O6 P' 331.222 
DC  'DNA linking' y "2'-DEOXYCYTIDINE-5'-MONOPHOSPHATE"  ? 'C9 H14 N3 O7 P'  307.197 
DG  'DNA linking' y "2'-DEOXYGUANOSINE-5'-MONOPHOSPHATE" ? 'C10 H14 N5 O7 P' 347.221 
DT  'DNA linking' y "THYMIDINE-5'-MONOPHOSPHATE"         ? 'C10 H15 N2 O8 P' 322.208 
HOH non-polymer   . WATER                                ? 'H2 O'            18.015  
# 
loop_
_pdbx_poly_seq_scheme.asym_id 
_pdbx_poly_seq_scheme.entity_id 
_pdbx_poly_seq_scheme.seq_id 
_pdbx_poly_seq_scheme.mon_id 
_pdbx_poly_seq_scheme.ndb_seq_num 
_pdbx_poly_seq_scheme.pdb_seq_num 
_pdbx_poly_seq_scheme.auth_seq_num 
_pdbx_poly_seq_scheme.pdb_mon_id 
_pdbx_poly_seq_scheme.auth_mon_id 
_pdbx_poly_seq_scheme.pdb_strand_id 
_pdbx_poly_seq_scheme.pdb_ins_code 
_pdbx_poly_seq_scheme.hetero 
A 1 1  DC 1  1  1  DC DC A . n 
A 1 2  DC 2  2  2  DC DC A . n 
A 1 3  DA 3  3  3  DA DA A . n 
A 1 4  DC 4  4  4  DC DC A . n 
A 1 5  DT 5  5  5  DT DT A . n 
A 1 6  DA 6  6  6  DA DA A . n 
A 1 7  DG 7  7  7  DG DG A . n 
A 1 8  DT 8  8  8  DT DT A . n 
A 1 9  DG 9  9  9  DG DG A . n 
A 1 10 DG 10 10 10 DG DG A . n 
B 1 1  DC 1  11 11 DC DC B . n 
B 1 2  DC 2  12 12 DC DC B . n 
B 1 3  DA 3  13 13 DA DA B . n 
B 1 4  DC 4  14 14 DC DC B . n 
B 1 5  DT 5  15 15 DT DT B . n 
B 1 6  DA 6  16 16 DA DA B . n 
B 1 7  DG 7  17 17 DG DG B . n 
B 1 8  DT 8  18 18 DT DT B . n 
B 1 9  DG 9  19 19 DG DG B . n 
B 1 10 DG 10 20 20 DG DG B . n 
# 
loop_
_pdbx_nonpoly_scheme.asym_id 
_pdbx_nonpoly_scheme.entity_id 
_pdbx_nonpoly_scheme.mon_id 
_pdbx_nonpoly_scheme.ndb_seq_num 
_pdbx_nonpoly_scheme.pdb_seq_num 
_pdbx_nonpoly_scheme.auth_seq_num 
_pdbx_nonpoly_scheme.pdb_mon_id 
_pdbx_nonpoly_scheme.auth_mon_id 
_pdbx_nonpoly_scheme.pdb_strand_id 
_pdbx_nonpoly_scheme.pdb_ins_code 
C 2 HOH 1  101 72  HOH HOH A . 
C 2 HOH 2  102 98  HOH HOH A . 
C 2 HOH 3  103 124 HOH HOH A . 
C 2 HOH 4  104 96  HOH HOH A . 
C 2 HOH 5  105 120 HOH HOH A . 
C 2 HOH 6  106 134 HOH HOH A . 
C 2 HOH 7  107 71  HOH HOH A . 
C 2 HOH 8  108 117 HOH HOH A . 
C 2 HOH 9  109 80  HOH HOH A . 
C 2 HOH 10 110 54  HOH HOH A . 
C 2 HOH 11 111 93  HOH HOH A . 
C 2 HOH 12 112 140 HOH HOH A . 
C 2 HOH 13 113 83  HOH HOH A . 
C 2 HOH 14 114 87  HOH HOH A . 
C 2 HOH 15 115 44  HOH HOH A . 
C 2 HOH 16 116 135 HOH HOH A . 
C 2 HOH 17 117 22  HOH HOH A . 
C 2 HOH 18 118 55  HOH HOH A . 
C 2 HOH 19 119 61  HOH HOH A . 
C 2 HOH 20 120 81  HOH HOH A . 
C 2 HOH 21 121 67  HOH HOH A . 
C 2 HOH 22 122 35  HOH HOH A . 
C 2 HOH 23 123 138 HOH HOH A . 
C 2 HOH 24 124 63  HOH HOH A . 
C 2 HOH 25 125 24  HOH HOH A . 
C 2 HOH 26 126 27  HOH HOH A . 
C 2 HOH 27 127 132 HOH HOH A . 
C 2 HOH 28 128 133 HOH HOH A . 
C 2 HOH 29 129 53  HOH HOH A . 
C 2 HOH 30 130 113 HOH HOH A . 
C 2 HOH 31 131 99  HOH HOH A . 
C 2 HOH 32 132 136 HOH HOH A . 
C 2 HOH 33 133 94  HOH HOH A . 
C 2 HOH 34 134 26  HOH HOH A . 
C 2 HOH 35 135 100 HOH HOH A . 
C 2 HOH 36 136 58  HOH HOH A . 
C 2 HOH 37 137 64  HOH HOH A . 
C 2 HOH 38 138 89  HOH HOH A . 
C 2 HOH 39 139 30  HOH HOH A . 
C 2 HOH 40 140 97  HOH HOH A . 
C 2 HOH 41 141 56  HOH HOH A . 
C 2 HOH 42 142 50  HOH HOH A . 
C 2 HOH 43 143 70  HOH HOH A . 
C 2 HOH 44 144 123 HOH HOH A . 
C 2 HOH 45 145 84  HOH HOH A . 
C 2 HOH 46 146 92  HOH HOH A . 
C 2 HOH 47 147 41  HOH HOH A . 
C 2 HOH 48 148 131 HOH HOH A . 
C 2 HOH 49 149 62  HOH HOH A . 
C 2 HOH 50 150 101 HOH HOH A . 
C 2 HOH 51 151 47  HOH HOH A . 
C 2 HOH 52 152 116 HOH HOH A . 
C 2 HOH 53 153 52  HOH HOH A . 
C 2 HOH 54 154 128 HOH HOH A . 
C 2 HOH 55 155 139 HOH HOH A . 
C 2 HOH 56 156 85  HOH HOH A . 
C 2 HOH 57 157 46  HOH HOH A . 
D 2 HOH 1  101 106 HOH HOH B . 
D 2 HOH 2  102 43  HOH HOH B . 
D 2 HOH 3  103 32  HOH HOH B . 
D 2 HOH 4  104 68  HOH HOH B . 
D 2 HOH 5  105 48  HOH HOH B . 
D 2 HOH 6  106 141 HOH HOH B . 
D 2 HOH 7  107 40  HOH HOH B . 
D 2 HOH 8  108 111 HOH HOH B . 
D 2 HOH 9  109 82  HOH HOH B . 
D 2 HOH 10 110 69  HOH HOH B . 
D 2 HOH 11 111 110 HOH HOH B . 
D 2 HOH 12 112 76  HOH HOH B . 
D 2 HOH 13 113 29  HOH HOH B . 
D 2 HOH 14 114 25  HOH HOH B . 
D 2 HOH 15 115 77  HOH HOH B . 
D 2 HOH 16 116 31  HOH HOH B . 
D 2 HOH 17 117 51  HOH HOH B . 
D 2 HOH 18 118 33  HOH HOH B . 
D 2 HOH 19 119 103 HOH HOH B . 
D 2 HOH 20 120 125 HOH HOH B . 
D 2 HOH 21 121 126 HOH HOH B . 
D 2 HOH 22 122 65  HOH HOH B . 
D 2 HOH 23 123 21  HOH HOH B . 
D 2 HOH 24 124 28  HOH HOH B . 
D 2 HOH 25 125 119 HOH HOH B . 
D 2 HOH 26 126 91  HOH HOH B . 
D 2 HOH 27 127 39  HOH HOH B . 
D 2 HOH 28 128 57  HOH HOH B . 
D 2 HOH 29 129 75  HOH HOH B . 
D 2 HOH 30 130 45  HOH HOH B . 
D 2 HOH 31 131 90  HOH HOH B . 
D 2 HOH 32 132 23  HOH HOH B . 
D 2 HOH 33 133 49  HOH HOH B . 
D 2 HOH 34 134 36  HOH HOH B . 
D 2 HOH 35 135 107 HOH HOH B . 
D 2 HOH 36 136 115 HOH HOH B . 
D 2 HOH 37 137 122 HOH HOH B . 
D 2 HOH 38 138 121 HOH HOH B . 
D 2 HOH 39 139 102 HOH HOH B . 
D 2 HOH 40 140 34  HOH HOH B . 
D 2 HOH 41 141 127 HOH HOH B . 
D 2 HOH 42 142 108 HOH HOH B . 
D 2 HOH 43 143 114 HOH HOH B . 
D 2 HOH 44 144 86  HOH HOH B . 
D 2 HOH 45 145 137 HOH HOH B . 
D 2 HOH 46 146 66  HOH HOH B . 
D 2 HOH 47 147 109 HOH HOH B . 
D 2 HOH 48 148 38  HOH HOH B . 
D 2 HOH 49 149 105 HOH HOH B . 
D 2 HOH 50 150 104 HOH HOH B . 
D 2 HOH 51 151 112 HOH HOH B . 
D 2 HOH 52 152 60  HOH HOH B . 
D 2 HOH 53 153 59  HOH HOH B . 
D 2 HOH 54 154 42  HOH HOH B . 
D 2 HOH 55 155 74  HOH HOH B . 
D 2 HOH 56 156 95  HOH HOH B . 
D 2 HOH 57 157 37  HOH HOH B . 
D 2 HOH 58 158 88  HOH HOH B . 
D 2 HOH 59 159 129 HOH HOH B . 
D 2 HOH 60 160 79  HOH HOH B . 
D 2 HOH 61 161 78  HOH HOH B . 
D 2 HOH 62 162 130 HOH HOH B . 
D 2 HOH 63 163 118 HOH HOH B . 
D 2 HOH 64 164 73  HOH HOH B . 
# 
loop_
_software.citation_id 
_software.classification 
_software.compiler_name 
_software.compiler_version 
_software.contact_author 
_software.contact_author_email 
_software.date 
_software.description 
_software.dependencies 
_software.hardware 
_software.language 
_software.location 
_software.mods 
_software.name 
_software.os 
_software.os_version 
_software.type 
_software.version 
_software.pdbx_ordinal 
? refinement ? ? ? ? ? ? ? ? ? ? ? NUCLSQ ? ? ? . 1 
? phasing    ? ? ? ? ? ? ? ? ? ? ? ULTIMA ? ? ? . 2 
# 
_cell.angle_alpha                  90.00 
_cell.angle_alpha_esd              ? 
_cell.angle_beta                   90.00 
_cell.angle_beta_esd               ? 
_cell.angle_gamma                  120.00 
_cell.angle_gamma_esd              ? 
_cell.entry_id                     7KCI 
_cell.details                      ? 
_cell.formula_units_Z              ? 
_cell.length_a                     32.900 
_cell.length_a_esd                 ? 
_cell.length_b                     32.900 
_cell.length_b_esd                 ? 
_cell.length_c                     95.100 
_cell.length_c_esd                 ? 
_cell.volume                       ? 
_cell.volume_esd                   ? 
_cell.Z_PDB                        12 
_cell.reciprocal_angle_alpha       ? 
_cell.reciprocal_angle_beta        ? 
_cell.reciprocal_angle_gamma       ? 
_cell.reciprocal_angle_alpha_esd   ? 
_cell.reciprocal_angle_beta_esd    ? 
_cell.reciprocal_angle_gamma_esd   ? 
_cell.reciprocal_length_a          ? 
_cell.reciprocal_length_b          ? 
_cell.reciprocal_length_c          ? 
_cell.reciprocal_length_a_esd      ? 
_cell.reciprocal_length_b_esd      ? 
_cell.reciprocal_length_c_esd      ? 
_cell.pdbx_unique_axis             ? 
# 
_symmetry.entry_id                         7KCI 
_symmetry.cell_setting                     ? 
_symmetry.Int_Tables_number                154 
_symmetry.space_group_name_Hall            ? 
_symmetry.space_group_name_H-M             'P 32 2 1' 
_symmetry.pdbx_full_space_group_name_H-M   ? 
# 
_exptl.absorpt_coefficient_mu     ? 
_exptl.absorpt_correction_T_max   ? 
_exptl.absorpt_correction_T_min   ? 
_exptl.absorpt_correction_type    ? 
_exptl.absorpt_process_details    ? 
_exptl.entry_id                   7KCI 
_exptl.crystals_number            1 
_exptl.details                    ? 
_exptl.method                     'X-RAY DIFFRACTION' 
_exptl.method_details             ? 
# 
_exptl_crystal.colour                      ? 
_exptl_crystal.density_diffrn              ? 
_exptl_crystal.density_Matthews            2.44 
_exptl_crystal.density_method              ? 
_exptl_crystal.density_percent_sol         49.58 
_exptl_crystal.description                 ? 
_exptl_crystal.F_000                       ? 
_exptl_crystal.id                          1 
_exptl_crystal.preparation                 ? 
_exptl_crystal.size_max                    ? 
_exptl_crystal.size_mid                    ? 
_exptl_crystal.size_min                    ? 
_exptl_crystal.size_rad                    ? 
_exptl_crystal.colour_lustre               ? 
_exptl_crystal.colour_modifier             ? 
_exptl_crystal.colour_primary              ? 
_exptl_crystal.density_meas                ? 
_exptl_crystal.density_meas_esd            ? 
_exptl_crystal.density_meas_gt             ? 
_exptl_crystal.density_meas_lt             ? 
_exptl_crystal.density_meas_temp           ? 
_exptl_crystal.density_meas_temp_esd       ? 
_exptl_crystal.density_meas_temp_gt        ? 
_exptl_crystal.density_meas_temp_lt        ? 
_exptl_crystal.pdbx_crystal_image_url      ? 
_exptl_crystal.pdbx_crystal_image_format   ? 
_exptl_crystal.pdbx_mosaicity              ? 
_exptl_crystal.pdbx_mosaicity_esd          ? 
# 
_exptl_crystal_grow.apparatus       ? 
_exptl_crystal_grow.atmosphere      ? 
_exptl_crystal_grow.crystal_id      1 
_exptl_crystal_grow.details         ? 
_exptl_crystal_grow.method          'VAPOR DIFFUSION' 
_exptl_crystal_grow.method_ref      ? 
_exptl_crystal_grow.pH              7.00 
_exptl_crystal_grow.pressure        ? 
_exptl_crystal_grow.pressure_esd    ? 
_exptl_crystal_grow.seeding         ? 
_exptl_crystal_grow.seeding_ref     ? 
_exptl_crystal_grow.temp            277 
_exptl_crystal_grow.temp_details    ? 
_exptl_crystal_grow.temp_esd        ? 
_exptl_crystal_grow.time            ? 
_exptl_crystal_grow.pdbx_details    'PEG 200, NA CACODYLATE, SPERMINE_HCL, MGCL2' 
_exptl_crystal_grow.pdbx_pH_range   ? 
# 
_diffrn.ambient_environment              ? 
_diffrn.ambient_temp                     100.000 
_diffrn.ambient_temp_details             ? 
_diffrn.ambient_temp_esd                 ? 
_diffrn.crystal_id                       1 
_diffrn.crystal_support                  ? 
_diffrn.crystal_treatment                ? 
_diffrn.details                          ? 
_diffrn.id                               1 
_diffrn.ambient_pressure                 ? 
_diffrn.ambient_pressure_esd             ? 
_diffrn.ambient_pressure_gt              ? 
_diffrn.ambient_pressure_lt              ? 
_diffrn.ambient_temp_gt                  ? 
_diffrn.ambient_temp_lt                  ? 
_diffrn.pdbx_serial_crystal_experiment   N 
# 
_diffrn_detector.details                      ? 
_diffrn_detector.detector                     DIFFRACTOMETER 
_diffrn_detector.diffrn_id                    1 
_diffrn_detector.type                         'RIGAKU AFC-5R' 
_diffrn_detector.area_resol_mean              ? 
_diffrn_detector.dtime                        ? 
_diffrn_detector.pdbx_frames_total            ? 
_diffrn_detector.pdbx_collection_time_total   ? 
_diffrn_detector.pdbx_collection_date         ? 
_diffrn_detector.pdbx_frequency               ? 
# 
_diffrn_radiation.collimation                      ? 
_diffrn_radiation.diffrn_id                        1 
_diffrn_radiation.filter_edge                      ? 
_diffrn_radiation.inhomogeneity                    ? 
_diffrn_radiation.monochromator                    Graphite 
_diffrn_radiation.polarisn_norm                    ? 
_diffrn_radiation.polarisn_ratio                   ? 
_diffrn_radiation.probe                            ? 
_diffrn_radiation.type                             ? 
_diffrn_radiation.xray_symbol                      ? 
_diffrn_radiation.wavelength_id                    1 
_diffrn_radiation.pdbx_monochromatic_or_laue_m_l   M 
_diffrn_radiation.pdbx_wavelength_list             ? 
_diffrn_radiation.pdbx_wavelength                  ? 
_diffrn_radiation.pdbx_diffrn_protocol             'SINGLE WAVELENGTH' 
_diffrn_radiation.pdbx_analyzer                    ? 
_diffrn_radiation.pdbx_scattering_type             x-ray 
# 
_diffrn_radiation_wavelength.id           1 
_diffrn_radiation_wavelength.wavelength   1.5400 
_diffrn_radiation_wavelength.wt           1.0 
# 
_diffrn_source.current                     ? 
_diffrn_source.details                     ? 
_diffrn_source.diffrn_id                   1 
_diffrn_source.power                       ? 
_diffrn_source.size                        ? 
_diffrn_source.source                      'ROTATING ANODE' 
_diffrn_source.target                      ? 
_diffrn_source.type                        RIGAKU 
_diffrn_source.voltage                     ? 
_diffrn_source.take-off_angle              ? 
_diffrn_source.pdbx_wavelength_list        1.5400 
_diffrn_source.pdbx_wavelength             ? 
_diffrn_source.pdbx_synchrotron_beamline   ? 
_diffrn_source.pdbx_synchrotron_site       ? 
# 
_reflns.B_iso_Wilson_estimate            ? 
_reflns.entry_id                         7KCI 
_reflns.data_reduction_details           ? 
_reflns.data_reduction_method            ? 
_reflns.d_resolution_high                1.95 
_reflns.d_resolution_low                 33.0 
_reflns.details                          ? 
_reflns.limit_h_max                      ? 
_reflns.limit_h_min                      ? 
_reflns.limit_k_max                      ? 
_reflns.limit_k_min                      ? 
_reflns.limit_l_max                      ? 
_reflns.limit_l_min                      ? 
_reflns.number_all                       ? 
_reflns.number_obs                       4034 
_reflns.observed_criterion               ? 
_reflns.observed_criterion_F_max         ? 
_reflns.observed_criterion_F_min         ? 
_reflns.observed_criterion_I_max         ? 
_reflns.observed_criterion_I_min         ? 
_reflns.observed_criterion_sigma_F       ? 
_reflns.observed_criterion_sigma_I       ? 
_reflns.percent_possible_obs             ? 
_reflns.R_free_details                   ? 
_reflns.Rmerge_F_all                     ? 
_reflns.Rmerge_F_obs                     ? 
_reflns.Friedel_coverage                 ? 
_reflns.number_gt                        ? 
_reflns.threshold_expression             ? 
_reflns.pdbx_redundancy                  2.03 
_reflns.pdbx_Rmerge_I_obs                ? 
_reflns.pdbx_Rmerge_I_all                ? 
_reflns.pdbx_Rsym_value                  0.087 
_reflns.pdbx_netI_over_av_sigmaI         ? 
_reflns.pdbx_netI_over_sigmaI            ? 
_reflns.pdbx_res_netI_over_av_sigmaI_2   ? 
_reflns.pdbx_res_netI_over_sigmaI_2      ? 
_reflns.pdbx_chi_squared                 ? 
_reflns.pdbx_scaling_rejects             ? 
_reflns.pdbx_d_res_high_opt              ? 
_reflns.pdbx_d_res_low_opt               ? 
_reflns.pdbx_d_res_opt_method            ? 
_reflns.phase_calculation_details        ? 
_reflns.pdbx_Rrim_I_all                  ? 
_reflns.pdbx_Rpim_I_all                  ? 
_reflns.pdbx_d_opt                       ? 
_reflns.pdbx_number_measured_all         ? 
_reflns.pdbx_diffrn_id                   1 
_reflns.pdbx_ordinal                     1 
_reflns.pdbx_CC_half                     ? 
_reflns.pdbx_CC_star                     ? 
_reflns.pdbx_R_split                     ? 
# 
_refine.aniso_B[1][1]                            ? 
_refine.aniso_B[1][2]                            ? 
_refine.aniso_B[1][3]                            ? 
_refine.aniso_B[2][2]                            ? 
_refine.aniso_B[2][3]                            ? 
_refine.aniso_B[3][3]                            ? 
_refine.B_iso_max                                100.900 
_refine.B_iso_mean                               16.9851 
_refine.B_iso_min                                2.000 
_refine.correlation_coeff_Fo_to_Fc               ? 
_refine.correlation_coeff_Fo_to_Fc_free          ? 
_refine.details                                  ? 
_refine.diff_density_max                         ? 
_refine.diff_density_max_esd                     ? 
_refine.diff_density_min                         ? 
_refine.diff_density_min_esd                     ? 
_refine.diff_density_rms                         ? 
_refine.diff_density_rms_esd                     ? 
_refine.entry_id                                 7KCI 
_refine.pdbx_refine_id                           'X-RAY DIFFRACTION' 
_refine.ls_abs_structure_details                 ? 
_refine.ls_abs_structure_Flack                   ? 
_refine.ls_abs_structure_Flack_esd               ? 
_refine.ls_abs_structure_Rogers                  ? 
_refine.ls_abs_structure_Rogers_esd              ? 
_refine.ls_d_res_high                            1.950 
_refine.ls_d_res_low                             6.000 
_refine.ls_extinction_coef                       ? 
_refine.ls_extinction_coef_esd                   ? 
_refine.ls_extinction_expression                 ? 
_refine.ls_extinction_method                     ? 
_refine.ls_goodness_of_fit_all                   ? 
_refine.ls_goodness_of_fit_all_esd               ? 
_refine.ls_goodness_of_fit_obs                   ? 
_refine.ls_goodness_of_fit_obs_esd               ? 
_refine.ls_hydrogen_treatment                    ? 
_refine.ls_matrix_type                           ? 
_refine.ls_number_constraints                    ? 
_refine.ls_number_parameters                     ? 
_refine.ls_number_reflns_all                     ? 
_refine.ls_number_reflns_obs                     3200 
_refine.ls_number_reflns_R_free                  ? 
_refine.ls_number_reflns_R_work                  ? 
_refine.ls_number_restraints                     ? 
_refine.ls_percent_reflns_obs                    ? 
_refine.ls_percent_reflns_R_free                 ? 
_refine.ls_R_factor_all                          ? 
_refine.ls_R_factor_obs                          0.1700000 
_refine.ls_R_factor_R_free                       ? 
_refine.ls_R_factor_R_free_error                 ? 
_refine.ls_R_factor_R_free_error_details         ? 
_refine.ls_R_factor_R_work                       ? 
_refine.ls_R_Fsqd_factor_obs                     ? 
_refine.ls_R_I_factor_obs                        ? 
_refine.ls_redundancy_reflns_all                 ? 
_refine.ls_redundancy_reflns_obs                 ? 
_refine.ls_restrained_S_all                      ? 
_refine.ls_restrained_S_obs                      ? 
_refine.ls_shift_over_esd_max                    ? 
_refine.ls_shift_over_esd_mean                   ? 
_refine.ls_structure_factor_coef                 ? 
_refine.ls_weighting_details                     ? 
_refine.ls_weighting_scheme                      ? 
_refine.ls_wR_factor_all                         ? 
_refine.ls_wR_factor_obs                         ? 
_refine.ls_wR_factor_R_free                      ? 
_refine.ls_wR_factor_R_work                      ? 
_refine.occupancy_max                            ? 
_refine.occupancy_min                            ? 
_refine.solvent_model_details                    ? 
_refine.solvent_model_param_bsol                 ? 
_refine.solvent_model_param_ksol                 ? 
_refine.pdbx_R_complete                          ? 
_refine.ls_R_factor_gt                           ? 
_refine.ls_goodness_of_fit_gt                    ? 
_refine.ls_goodness_of_fit_ref                   ? 
_refine.ls_shift_over_su_max                     ? 
_refine.ls_shift_over_su_max_lt                  ? 
_refine.ls_shift_over_su_mean                    ? 
_refine.ls_shift_over_su_mean_lt                 ? 
_refine.pdbx_ls_sigma_I                          ? 
_refine.pdbx_ls_sigma_F                          2.000 
_refine.pdbx_ls_sigma_Fsqd                       ? 
_refine.pdbx_data_cutoff_high_absF               ? 
_refine.pdbx_data_cutoff_high_rms_absF           ? 
_refine.pdbx_data_cutoff_low_absF                ? 
_refine.pdbx_isotropic_thermal_model             ? 
_refine.pdbx_ls_cross_valid_method               THROUGHOUT 
_refine.pdbx_method_to_determine_struct          'MOLECULAR REPLACEMENT' 
_refine.pdbx_starting_model                      'standard B-DNA model' 
_refine.pdbx_stereochemistry_target_values       ? 
_refine.pdbx_R_Free_selection_details            ? 
_refine.pdbx_stereochem_target_val_spec_case     ? 
_refine.pdbx_overall_ESU_R                       ? 
_refine.pdbx_overall_ESU_R_Free                  ? 
_refine.pdbx_solvent_vdw_probe_radii             ? 
_refine.pdbx_solvent_ion_probe_radii             ? 
_refine.pdbx_solvent_shrinkage_radii             ? 
_refine.pdbx_real_space_R                        ? 
_refine.pdbx_density_correlation                 ? 
_refine.pdbx_pd_number_of_powder_patterns        ? 
_refine.pdbx_pd_number_of_points                 ? 
_refine.pdbx_pd_meas_number_of_points            ? 
_refine.pdbx_pd_proc_ls_prof_R_factor            ? 
_refine.pdbx_pd_proc_ls_prof_wR_factor           ? 
_refine.pdbx_pd_Marquardt_correlation_coeff      ? 
_refine.pdbx_pd_Fsqrd_R_factor                   ? 
_refine.pdbx_pd_ls_matrix_band_width             ? 
_refine.pdbx_overall_phase_error                 ? 
_refine.pdbx_overall_SU_R_free_Cruickshank_DPI   ? 
_refine.pdbx_overall_SU_R_free_Blow_DPI          ? 
_refine.pdbx_overall_SU_R_Blow_DPI               ? 
_refine.pdbx_TLS_residual_ADP_flag               ? 
_refine.pdbx_diffrn_id                           1 
_refine.overall_SU_B                             ? 
_refine.overall_SU_ML                            ? 
_refine.overall_SU_R_Cruickshank_DPI             ? 
_refine.overall_SU_R_free                        ? 
_refine.overall_FOM_free_R_set                   ? 
_refine.overall_FOM_work_R_set                   ? 
_refine.pdbx_average_fsc_overall                 ? 
_refine.pdbx_average_fsc_work                    ? 
_refine.pdbx_average_fsc_free                    ? 
# 
_refine_hist.pdbx_refine_id                   'X-RAY DIFFRACTION' 
_refine_hist.cycle_id                         LAST 
_refine_hist.details                          ? 
_refine_hist.d_res_high                       1.950 
_refine_hist.d_res_low                        6.000 
_refine_hist.number_atoms_solvent             121 
_refine_hist.number_atoms_total               525 
_refine_hist.number_reflns_all                ? 
_refine_hist.number_reflns_obs                ? 
_refine_hist.number_reflns_R_free             ? 
_refine_hist.number_reflns_R_work             ? 
_refine_hist.R_factor_all                     ? 
_refine_hist.R_factor_obs                     ? 
_refine_hist.R_factor_R_free                  ? 
_refine_hist.R_factor_R_work                  ? 
_refine_hist.pdbx_number_residues_total       20 
_refine_hist.pdbx_B_iso_mean_ligand           ? 
_refine_hist.pdbx_B_iso_mean_solvent          31.96 
_refine_hist.pdbx_number_atoms_protein        0 
_refine_hist.pdbx_number_atoms_nucleic_acid   404 
_refine_hist.pdbx_number_atoms_ligand         0 
_refine_hist.pdbx_number_atoms_lipid          ? 
_refine_hist.pdbx_number_atoms_carb           ? 
_refine_hist.pdbx_pseudo_atom_details         ? 
# 
_struct.entry_id                     7KCI 
_struct.title                        
'DETERMINANTS OF REPRESSOR/OPERATOR RECOGNITION FROM THE STRUCTURE OF THE TRP OPERATOR BINDING SITE' 
_struct.pdbx_model_details           ? 
_struct.pdbx_formula_weight          ? 
_struct.pdbx_formula_weight_method   ? 
_struct.pdbx_model_type_details      ? 
_struct.pdbx_CASP_flag               N 
# 
_struct_keywords.entry_id        7KCI 
_struct_keywords.text            'B-DNA, DOUBLE HELIX, DEOXYRIBONUCLEIC ACID, DNA' 
_struct_keywords.pdbx_keywords   DNA 
# 
loop_
_struct_asym.id 
_struct_asym.pdbx_blank_PDB_chainid_flag 
_struct_asym.pdbx_modified 
_struct_asym.entity_id 
_struct_asym.details 
A N N 1 ? 
B N N 1 ? 
C N N 2 ? 
D N N 2 ? 
# 
_struct_ref.id                         1 
_struct_ref.db_name                    PDB 
_struct_ref.db_code                    7KCI 
_struct_ref.pdbx_db_accession          7KCI 
_struct_ref.pdbx_db_isoform            ? 
_struct_ref.entity_id                  1 
_struct_ref.pdbx_seq_one_letter_code   ? 
_struct_ref.pdbx_align_begin           1 
# 
loop_
_struct_ref_seq.align_id 
_struct_ref_seq.ref_id 
_struct_ref_seq.pdbx_PDB_id_code 
_struct_ref_seq.pdbx_strand_id 
_struct_ref_seq.seq_align_beg 
_struct_ref_seq.pdbx_seq_align_beg_ins_code 
_struct_ref_seq.seq_align_end 
_struct_ref_seq.pdbx_seq_align_end_ins_code 
_struct_ref_seq.pdbx_db_accession 
_struct_ref_seq.db_align_beg 
_struct_ref_seq.pdbx_db_align_beg_ins_code 
_struct_ref_seq.db_align_end 
_struct_ref_seq.pdbx_db_align_end_ins_code 
_struct_ref_seq.pdbx_auth_seq_align_beg 
_struct_ref_seq.pdbx_auth_seq_align_end 
1 1 7KCI A 1 ? 10 ? 7KCI 1  ? 10 ? 1  10 
2 1 7KCI B 1 ? 10 ? 7KCI 11 ? 20 ? 11 20 
# 
_pdbx_struct_assembly.id                   1 
_pdbx_struct_assembly.details              author_and_software_defined_assembly 
_pdbx_struct_assembly.method_details       PISA 
_pdbx_struct_assembly.oligomeric_details   dimeric 
_pdbx_struct_assembly.oligomeric_count     2 
# 
loop_
_pdbx_struct_assembly_prop.biol_id 
_pdbx_struct_assembly_prop.type 
_pdbx_struct_assembly_prop.value 
_pdbx_struct_assembly_prop.details 
1 'ABSA (A^2)' 940  ? 
1 MORE         -4   ? 
1 'SSA (A^2)'  3840 ? 
# 
_pdbx_struct_assembly_gen.assembly_id       1 
_pdbx_struct_assembly_gen.oper_expression   1 
_pdbx_struct_assembly_gen.asym_id_list      A,B,C,D 
# 
_pdbx_struct_assembly_auth_evidence.id                     1 
_pdbx_struct_assembly_auth_evidence.assembly_id            1 
_pdbx_struct_assembly_auth_evidence.experimental_support   none 
_pdbx_struct_assembly_auth_evidence.details                ? 
# 
_pdbx_struct_oper_list.id                   1 
_pdbx_struct_oper_list.type                 'identity operation' 
_pdbx_struct_oper_list.name                 1_555 
_pdbx_struct_oper_list.symmetry_operation   x,y,z 
_pdbx_struct_oper_list.matrix[1][1]         1.0000000000 
_pdbx_struct_oper_list.matrix[1][2]         0.0000000000 
_pdbx_struct_oper_list.matrix[1][3]         0.0000000000 
_pdbx_struct_oper_list.vector[1]            0.0000000000 
_pdbx_struct_oper_list.matrix[2][1]         0.0000000000 
_pdbx_struct_oper_list.matrix[2][2]         1.0000000000 
_pdbx_struct_oper_list.matrix[2][3]         0.0000000000 
_pdbx_struct_oper_list.vector[2]            0.0000000000 
_pdbx_struct_oper_list.matrix[3][1]         0.0000000000 
_pdbx_struct_oper_list.matrix[3][2]         0.0000000000 
_pdbx_struct_oper_list.matrix[3][3]         1.0000000000 
_pdbx_struct_oper_list.vector[3]            0.0000000000 
# 
loop_
_struct_conn.id 
_struct_conn.conn_type_id 
_struct_conn.pdbx_leaving_atom_flag 
_struct_conn.pdbx_PDB_id 
_struct_conn.ptnr1_label_asym_id 
_struct_conn.ptnr1_label_comp_id 
_struct_conn.ptnr1_label_seq_id 
_struct_conn.ptnr1_label_atom_id 
_struct_conn.pdbx_ptnr1_label_alt_id 
_struct_conn.pdbx_ptnr1_PDB_ins_code 
_struct_conn.pdbx_ptnr1_standard_comp_id 
_struct_conn.ptnr1_symmetry 
_struct_conn.ptnr2_label_asym_id 
_struct_conn.ptnr2_label_comp_id 
_struct_conn.ptnr2_label_seq_id 
_struct_conn.ptnr2_label_atom_id 
_struct_conn.pdbx_ptnr2_label_alt_id 
_struct_conn.pdbx_ptnr2_PDB_ins_code 
_struct_conn.ptnr1_auth_asym_id 
_struct_conn.ptnr1_auth_comp_id 
_struct_conn.ptnr1_auth_seq_id 
_struct_conn.ptnr2_auth_asym_id 
_struct_conn.ptnr2_auth_comp_id 
_struct_conn.ptnr2_auth_seq_id 
_struct_conn.ptnr2_symmetry 
_struct_conn.pdbx_ptnr3_label_atom_id 
_struct_conn.pdbx_ptnr3_label_seq_id 
_struct_conn.pdbx_ptnr3_label_comp_id 
_struct_conn.pdbx_ptnr3_label_asym_id 
_struct_conn.pdbx_ptnr3_label_alt_id 
_struct_conn.pdbx_ptnr3_PDB_ins_code 
_struct_conn.details 
_struct_conn.pdbx_dist_value 
_struct_conn.pdbx_value_order 
_struct_conn.pdbx_role 
hydrog1  hydrog ? ? A DC 1  N3 ? ? ? 1_555 B DG 10 N1 ? ? A DC 1  B DG 20 1_555 ? ? ? ? ? ? WATSON-CRICK ? ? ? 
hydrog2  hydrog ? ? A DC 1  N4 ? ? ? 1_555 B DG 10 O6 ? ? A DC 1  B DG 20 1_555 ? ? ? ? ? ? WATSON-CRICK ? ? ? 
hydrog3  hydrog ? ? A DC 1  O2 ? ? ? 1_555 B DG 10 N2 ? ? A DC 1  B DG 20 1_555 ? ? ? ? ? ? WATSON-CRICK ? ? ? 
hydrog4  hydrog ? ? A DC 2  N3 ? ? ? 1_555 B DG 9  N1 ? ? A DC 2  B DG 19 1_555 ? ? ? ? ? ? WATSON-CRICK ? ? ? 
hydrog5  hydrog ? ? A DC 2  N4 ? ? ? 1_555 B DG 9  O6 ? ? A DC 2  B DG 19 1_555 ? ? ? ? ? ? WATSON-CRICK ? ? ? 
hydrog6  hydrog ? ? A DC 2  O2 ? ? ? 1_555 B DG 9  N2 ? ? A DC 2  B DG 19 1_555 ? ? ? ? ? ? WATSON-CRICK ? ? ? 
hydrog7  hydrog ? ? A DA 3  N1 ? ? ? 1_555 B DT 8  N3 ? ? A DA 3  B DT 18 1_555 ? ? ? ? ? ? WATSON-CRICK ? ? ? 
hydrog8  hydrog ? ? A DA 3  N6 ? ? ? 1_555 B DT 8  O4 ? ? A DA 3  B DT 18 1_555 ? ? ? ? ? ? WATSON-CRICK ? ? ? 
hydrog9  hydrog ? ? A DC 4  N3 ? ? ? 1_555 B DG 7  N1 ? ? A DC 4  B DG 17 1_555 ? ? ? ? ? ? WATSON-CRICK ? ? ? 
hydrog10 hydrog ? ? A DC 4  N4 ? ? ? 1_555 B DG 7  O6 ? ? A DC 4  B DG 17 1_555 ? ? ? ? ? ? WATSON-CRICK ? ? ? 
hydrog11 hydrog ? ? A DC 4  O2 ? ? ? 1_555 B DG 7  N2 ? ? A DC 4  B DG 17 1_555 ? ? ? ? ? ? WATSON-CRICK ? ? ? 
hydrog12 hydrog ? ? A DT 5  N3 ? ? ? 1_555 B DA 6  N1 ? ? A DT 5  B DA 16 1_555 ? ? ? ? ? ? WATSON-CRICK ? ? ? 
hydrog13 hydrog ? ? A DT 5  O4 ? ? ? 1_555 B DA 6  N6 ? ? A DT 5  B DA 16 1_555 ? ? ? ? ? ? WATSON-CRICK ? ? ? 
hydrog14 hydrog ? ? A DA 6  N1 ? ? ? 1_555 B DT 5  N3 ? ? A DA 6  B DT 15 1_555 ? ? ? ? ? ? WATSON-CRICK ? ? ? 
hydrog15 hydrog ? ? A DA 6  N6 ? ? ? 1_555 B DT 5  O4 ? ? A DA 6  B DT 15 1_555 ? ? ? ? ? ? WATSON-CRICK ? ? ? 
hydrog16 hydrog ? ? A DG 7  N1 ? ? ? 1_555 B DC 4  N3 ? ? A DG 7  B DC 14 1_555 ? ? ? ? ? ? WATSON-CRICK ? ? ? 
hydrog17 hydrog ? ? A DG 7  N2 ? ? ? 1_555 B DC 4  O2 ? ? A DG 7  B DC 14 1_555 ? ? ? ? ? ? WATSON-CRICK ? ? ? 
hydrog18 hydrog ? ? A DG 7  O6 ? ? ? 1_555 B DC 4  N4 ? ? A DG 7  B DC 14 1_555 ? ? ? ? ? ? WATSON-CRICK ? ? ? 
hydrog19 hydrog ? ? A DT 8  N3 ? ? ? 1_555 B DA 3  N1 ? ? A DT 8  B DA 13 1_555 ? ? ? ? ? ? WATSON-CRICK ? ? ? 
hydrog20 hydrog ? ? A DT 8  O4 ? ? ? 1_555 B DA 3  N6 ? ? A DT 8  B DA 13 1_555 ? ? ? ? ? ? WATSON-CRICK ? ? ? 
hydrog21 hydrog ? ? A DG 9  N1 ? ? ? 1_555 B DC 2  N3 ? ? A DG 9  B DC 12 1_555 ? ? ? ? ? ? WATSON-CRICK ? ? ? 
hydrog22 hydrog ? ? A DG 9  N2 ? ? ? 1_555 B DC 2  O2 ? ? A DG 9  B DC 12 1_555 ? ? ? ? ? ? WATSON-CRICK ? ? ? 
hydrog23 hydrog ? ? A DG 9  O6 ? ? ? 1_555 B DC 2  N4 ? ? A DG 9  B DC 12 1_555 ? ? ? ? ? ? WATSON-CRICK ? ? ? 
hydrog24 hydrog ? ? A DG 10 N1 ? ? ? 1_555 B DC 1  N3 ? ? A DG 10 B DC 11 1_555 ? ? ? ? ? ? WATSON-CRICK ? ? ? 
hydrog25 hydrog ? ? A DG 10 N2 ? ? ? 1_555 B DC 1  O2 ? ? A DG 10 B DC 11 1_555 ? ? ? ? ? ? WATSON-CRICK ? ? ? 
hydrog26 hydrog ? ? A DG 10 O6 ? ? ? 1_555 B DC 1  N4 ? ? A DG 10 B DC 11 1_555 ? ? ? ? ? ? WATSON-CRICK ? ? ? 
# 
_struct_conn_type.id          hydrog 
_struct_conn_type.criteria    ? 
_struct_conn_type.reference   ? 
# 
loop_
_pdbx_validate_close_contact.id 
_pdbx_validate_close_contact.PDB_model_num 
_pdbx_validate_close_contact.auth_atom_id_1 
_pdbx_validate_close_contact.auth_asym_id_1 
_pdbx_validate_close_contact.auth_comp_id_1 
_pdbx_validate_close_contact.auth_seq_id_1 
_pdbx_validate_close_contact.PDB_ins_code_1 
_pdbx_validate_close_contact.label_alt_id_1 
_pdbx_validate_close_contact.auth_atom_id_2 
_pdbx_validate_close_contact.auth_asym_id_2 
_pdbx_validate_close_contact.auth_comp_id_2 
_pdbx_validate_close_contact.auth_seq_id_2 
_pdbx_validate_close_contact.PDB_ins_code_2 
_pdbx_validate_close_contact.label_alt_id_2 
_pdbx_validate_close_contact.dist 
1 1 OP2   A DG  10  ? ? O A HOH 101 ? ? 1.88 
2 1 O     A HOH 110 ? ? O A HOH 138 ? ? 1.93 
3 1 O     A HOH 124 ? ? O B HOH 127 ? ? 1.98 
4 1 OP1   A DG  10  ? ? O A HOH 102 ? ? 2.00 
5 1 "O3'" A DG  10  ? ? O A HOH 103 ? ? 2.00 
6 1 O     B HOH 101 ? ? O B HOH 120 ? ? 2.12 
7 1 O     B HOH 123 ? ? O B HOH 136 ? ? 2.12 
8 1 N7    B DG  19  ? ? O B HOH 101 ? ? 2.12 
# 
_pdbx_validate_symm_contact.id                1 
_pdbx_validate_symm_contact.PDB_model_num     1 
_pdbx_validate_symm_contact.auth_atom_id_1    O 
_pdbx_validate_symm_contact.auth_asym_id_1    B 
_pdbx_validate_symm_contact.auth_comp_id_1    HOH 
_pdbx_validate_symm_contact.auth_seq_id_1     136 
_pdbx_validate_symm_contact.PDB_ins_code_1    ? 
_pdbx_validate_symm_contact.label_alt_id_1    ? 
_pdbx_validate_symm_contact.site_symmetry_1   1_555 
_pdbx_validate_symm_contact.auth_atom_id_2    O 
_pdbx_validate_symm_contact.auth_asym_id_2    B 
_pdbx_validate_symm_contact.auth_comp_id_2    HOH 
_pdbx_validate_symm_contact.auth_seq_id_2     136 
_pdbx_validate_symm_contact.PDB_ins_code_2    ? 
_pdbx_validate_symm_contact.label_alt_id_2    ? 
_pdbx_validate_symm_contact.site_symmetry_2   4_556 
_pdbx_validate_symm_contact.dist              2.08 
# 
loop_
_pdbx_validate_rmsd_bond.id 
_pdbx_validate_rmsd_bond.PDB_model_num 
_pdbx_validate_rmsd_bond.auth_atom_id_1 
_pdbx_validate_rmsd_bond.auth_asym_id_1 
_pdbx_validate_rmsd_bond.auth_comp_id_1 
_pdbx_validate_rmsd_bond.auth_seq_id_1 
_pdbx_validate_rmsd_bond.PDB_ins_code_1 
_pdbx_validate_rmsd_bond.label_alt_id_1 
_pdbx_validate_rmsd_bond.auth_atom_id_2 
_pdbx_validate_rmsd_bond.auth_asym_id_2 
_pdbx_validate_rmsd_bond.auth_comp_id_2 
_pdbx_validate_rmsd_bond.auth_seq_id_2 
_pdbx_validate_rmsd_bond.PDB_ins_code_2 
_pdbx_validate_rmsd_bond.label_alt_id_2 
_pdbx_validate_rmsd_bond.bond_value 
_pdbx_validate_rmsd_bond.bond_target_value 
_pdbx_validate_rmsd_bond.bond_deviation 
_pdbx_validate_rmsd_bond.bond_standard_deviation 
_pdbx_validate_rmsd_bond.linker_flag 
1  1 N1    A DC 1  ? ? C6    A DC 1  ? ? 1.409 1.367 0.042  0.006 N 
2  1 P     A DC 2  ? ? "O5'" A DC 2  ? ? 1.714 1.593 0.121  0.010 N 
3  1 C6    A DA 3  ? ? N1    A DA 3  ? ? 1.296 1.351 -0.055 0.007 N 
4  1 P     A DC 4  ? ? "O5'" A DC 4  ? ? 1.678 1.593 0.085  0.010 N 
5  1 "O4'" A DC 4  ? ? "C1'" A DC 4  ? ? 1.488 1.420 0.068  0.011 N 
6  1 "O4'" A DT 5  ? ? "C1'" A DT 5  ? ? 1.486 1.420 0.066  0.011 N 
7  1 P     A DG 7  ? ? "O5'" A DG 7  ? ? 1.655 1.593 0.062  0.010 N 
8  1 "O4'" A DT 8  ? ? "C1'" A DT 8  ? ? 1.496 1.420 0.076  0.011 N 
9  1 P     A DG 9  ? ? "O5'" A DG 9  ? ? 1.685 1.593 0.092  0.010 N 
10 1 C5    A DG 10 ? ? N7    A DG 10 ? ? 1.426 1.388 0.038  0.006 N 
11 1 C4    B DC 11 ? ? C5    B DC 11 ? ? 1.480 1.425 0.055  0.008 N 
12 1 "O4'" B DC 12 ? ? "C1'" B DC 12 ? ? 1.493 1.420 0.073  0.011 N 
13 1 N1    B DC 12 ? ? C6    B DC 12 ? ? 1.405 1.367 0.038  0.006 N 
14 1 C5    B DA 13 ? ? N7    B DA 13 ? ? 1.434 1.388 0.046  0.006 N 
15 1 "O4'" B DA 16 ? ? "C1'" B DA 16 ? ? 1.492 1.420 0.072  0.011 N 
16 1 N3    B DA 16 ? ? C4    B DA 16 ? ? 1.387 1.344 0.043  0.006 N 
17 1 C6    B DA 16 ? ? N1    B DA 16 ? ? 1.304 1.351 -0.047 0.007 N 
18 1 "O4'" B DG 17 ? ? "C1'" B DG 17 ? ? 1.501 1.420 0.081  0.011 N 
19 1 N1    B DG 17 ? ? C2    B DG 17 ? ? 1.313 1.373 -0.060 0.008 N 
20 1 P     B DT 18 ? ? "O5'" B DT 18 ? ? 1.697 1.593 0.104  0.010 N 
21 1 P     B DG 19 ? ? "O5'" B DG 19 ? ? 1.670 1.593 0.077  0.010 N 
22 1 C8    B DG 19 ? ? N9    B DG 19 ? ? 1.430 1.374 0.056  0.007 N 
23 1 "O3'" B DG 19 ? ? P     B DG 20 ? ? 1.529 1.607 -0.078 0.012 Y 
24 1 "C3'" B DG 20 ? ? "C2'" B DG 20 ? ? 1.601 1.518 0.083  0.012 N 
# 
loop_
_pdbx_validate_rmsd_angle.id 
_pdbx_validate_rmsd_angle.PDB_model_num 
_pdbx_validate_rmsd_angle.auth_atom_id_1 
_pdbx_validate_rmsd_angle.auth_asym_id_1 
_pdbx_validate_rmsd_angle.auth_comp_id_1 
_pdbx_validate_rmsd_angle.auth_seq_id_1 
_pdbx_validate_rmsd_angle.PDB_ins_code_1 
_pdbx_validate_rmsd_angle.label_alt_id_1 
_pdbx_validate_rmsd_angle.auth_atom_id_2 
_pdbx_validate_rmsd_angle.auth_asym_id_2 
_pdbx_validate_rmsd_angle.auth_comp_id_2 
_pdbx_validate_rmsd_angle.auth_seq_id_2 
_pdbx_validate_rmsd_angle.PDB_ins_code_2 
_pdbx_validate_rmsd_angle.label_alt_id_2 
_pdbx_validate_rmsd_angle.auth_atom_id_3 
_pdbx_validate_rmsd_angle.auth_asym_id_3 
_pdbx_validate_rmsd_angle.auth_comp_id_3 
_pdbx_validate_rmsd_angle.auth_seq_id_3 
_pdbx_validate_rmsd_angle.PDB_ins_code_3 
_pdbx_validate_rmsd_angle.label_alt_id_3 
_pdbx_validate_rmsd_angle.angle_value 
_pdbx_validate_rmsd_angle.angle_target_value 
_pdbx_validate_rmsd_angle.angle_deviation 
_pdbx_validate_rmsd_angle.angle_standard_deviation 
_pdbx_validate_rmsd_angle.linker_flag 
1   1 "O4'" A DC 1  ? ? "C4'" A DC 1  ? ? "C3'" A DC 1  ? ? 100.04 104.50 -4.46  0.40 N 
2   1 "C5'" A DC 1  ? ? "C4'" A DC 1  ? ? "O4'" A DC 1  ? ? 121.49 109.80 11.69  1.10 N 
3   1 "C1'" A DC 1  ? ? "O4'" A DC 1  ? ? "C4'" A DC 1  ? ? 116.29 110.30 5.99   0.70 N 
4   1 "O4'" A DC 1  ? ? "C1'" A DC 1  ? ? "C2'" A DC 1  ? ? 100.11 105.90 -5.79  0.80 N 
5   1 "O4'" A DC 1  ? ? "C1'" A DC 1  ? ? N1    A DC 1  ? ? 114.03 108.30 5.73   0.30 N 
6   1 N1    A DC 1  ? ? C2    A DC 1  ? ? O2    A DC 1  ? ? 122.64 118.90 3.74   0.60 N 
7   1 N3    A DC 1  ? ? C4    A DC 1  ? ? N4    A DC 1  ? ? 125.61 118.00 7.61   0.70 N 
8   1 C5    A DC 1  ? ? C4    A DC 1  ? ? N4    A DC 1  ? ? 113.11 120.20 -7.09  0.70 N 
9   1 "O3'" A DC 1  ? ? P     A DC 2  ? ? "O5'" A DC 2  ? ? 91.11  104.00 -12.89 1.90 Y 
10  1 P     A DC 2  ? ? "O5'" A DC 2  ? ? "C5'" A DC 2  ? ? 100.87 120.90 -20.03 1.60 N 
11  1 "C3'" A DC 2  ? ? "C2'" A DC 2  ? ? "C1'" A DC 2  ? ? 96.92  102.40 -5.48  0.80 N 
12  1 "O4'" A DC 2  ? ? "C1'" A DC 2  ? ? "C2'" A DC 2  ? ? 92.22  105.90 -13.68 0.80 N 
13  1 N3    A DC 2  ? ? C2    A DC 2  ? ? O2    A DC 2  ? ? 126.91 121.90 5.01   0.70 N 
14  1 N3    A DC 2  ? ? C4    A DC 2  ? ? N4    A DC 2  ? ? 125.43 118.00 7.43   0.70 N 
15  1 C5    A DC 2  ? ? C4    A DC 2  ? ? N4    A DC 2  ? ? 112.56 120.20 -7.64  0.70 N 
16  1 "O5'" A DA 3  ? ? "C5'" A DA 3  ? ? "C4'" A DA 3  ? ? 104.30 109.40 -5.10  0.80 N 
17  1 "O4'" A DA 3  ? ? "C1'" A DA 3  ? ? N9    A DA 3  ? ? 96.86  108.00 -11.14 0.70 N 
18  1 N1    A DA 3  ? ? C6    A DA 3  ? ? N6    A DA 3  ? ? 128.39 118.60 9.79   0.60 N 
19  1 C5    A DA 3  ? ? C6    A DA 3  ? ? N6    A DA 3  ? ? 115.62 123.70 -8.08  0.80 N 
20  1 OP1   A DC 4  ? ? P     A DC 4  ? ? OP2   A DC 4  ? ? 136.81 119.60 17.21  1.50 N 
21  1 "O5'" A DC 4  ? ? P     A DC 4  ? ? OP1   A DC 4  ? ? 98.91  105.70 -6.79  0.90 N 
22  1 "O5'" A DC 4  ? ? P     A DC 4  ? ? OP2   A DC 4  ? ? 97.34  105.70 -8.36  0.90 N 
23  1 P     A DC 4  ? ? "O5'" A DC 4  ? ? "C5'" A DC 4  ? ? 107.12 120.90 -13.78 1.60 N 
24  1 "O4'" A DC 4  ? ? "C4'" A DC 4  ? ? "C3'" A DC 4  ? ? 99.92  104.50 -4.58  0.40 N 
25  1 "C1'" A DC 4  ? ? "O4'" A DC 4  ? ? "C4'" A DC 4  ? ? 96.44  110.10 -13.66 1.00 N 
26  1 "C4'" A DC 4  ? ? "C3'" A DC 4  ? ? "C2'" A DC 4  ? ? 97.86  102.20 -4.34  0.70 N 
27  1 N1    A DC 4  ? ? "C1'" A DC 4  ? ? "C2'" A DC 4  ? ? 124.89 114.30 10.59  1.40 N 
28  1 "O4'" A DC 4  ? ? "C1'" A DC 4  ? ? N1    A DC 4  ? ? 112.97 108.30 4.67   0.30 N 
29  1 N3    A DC 4  ? ? C4    A DC 4  ? ? C5    A DC 4  ? ? 119.30 121.90 -2.60  0.40 N 
30  1 C4    A DC 4  ? ? C5    A DC 4  ? ? C6    A DC 4  ? ? 120.97 117.40 3.57   0.50 N 
31  1 C5    A DC 4  ? ? C6    A DC 4  ? ? N1    A DC 4  ? ? 117.55 121.00 -3.45  0.50 N 
32  1 N1    A DC 4  ? ? C2    A DC 4  ? ? O2    A DC 4  ? ? 115.14 118.90 -3.76  0.60 N 
33  1 N3    A DC 4  ? ? C2    A DC 4  ? ? O2    A DC 4  ? ? 126.29 121.90 4.39   0.70 N 
34  1 N3    A DC 4  ? ? C4    A DC 4  ? ? N4    A DC 4  ? ? 124.83 118.00 6.83   0.70 N 
35  1 C5    A DC 4  ? ? C4    A DC 4  ? ? N4    A DC 4  ? ? 115.72 120.20 -4.48  0.70 N 
36  1 "O5'" A DT 5  ? ? P     A DT 5  ? ? OP2   A DT 5  ? ? 123.10 110.70 12.40  1.20 N 
37  1 "O5'" A DT 5  ? ? "C5'" A DT 5  ? ? "C4'" A DT 5  ? ? 101.82 109.40 -7.58  0.80 N 
38  1 "O4'" A DT 5  ? ? "C1'" A DT 5  ? ? "C2'" A DT 5  ? ? 97.06  105.90 -8.84  0.80 N 
39  1 "O5'" A DA 6  ? ? "C5'" A DA 6  ? ? "C4'" A DA 6  ? ? 104.06 109.40 -5.34  0.80 N 
40  1 P     A DA 6  ? ? "O5'" A DA 6  ? ? "C5'" A DA 6  ? ? 111.03 120.90 -9.87  1.60 N 
41  1 "O4'" A DA 6  ? ? "C4'" A DA 6  ? ? "C3'" A DA 6  ? ? 101.79 104.50 -2.71  0.40 N 
42  1 "O4'" A DA 6  ? ? "C1'" A DA 6  ? ? "C2'" A DA 6  ? ? 98.93  105.90 -6.97  0.80 N 
43  1 C6    A DA 6  ? ? N1    A DA 6  ? ? C2    A DA 6  ? ? 122.38 118.60 3.78   0.60 N 
44  1 N1    A DA 6  ? ? C2    A DA 6  ? ? N3    A DA 6  ? ? 124.90 129.30 -4.40  0.50 N 
45  1 C2    A DA 6  ? ? N3    A DA 6  ? ? C4    A DA 6  ? ? 114.28 110.60 3.68   0.50 N 
46  1 N1    A DA 6  ? ? C6    A DA 6  ? ? N6    A DA 6  ? ? 125.83 118.60 7.23   0.60 N 
47  1 C5    A DA 6  ? ? C6    A DA 6  ? ? N6    A DA 6  ? ? 118.46 123.70 -5.24  0.80 N 
48  1 OP1   A DG 7  ? ? P     A DG 7  ? ? OP2   A DG 7  ? ? 130.12 119.60 10.52  1.50 N 
49  1 "O5'" A DG 7  ? ? P     A DG 7  ? ? OP1   A DG 7  ? ? 95.08  105.70 -10.62 0.90 N 
50  1 N9    A DG 7  ? ? "C1'" A DG 7  ? ? "C2'" A DG 7  ? ? 124.40 114.30 10.10  1.40 N 
51  1 N1    A DG 7  ? ? C2    A DG 7  ? ? N2    A DG 7  ? ? 122.93 116.20 6.73   0.90 N 
52  1 N3    A DG 7  ? ? C2    A DG 7  ? ? N2    A DG 7  ? ? 114.01 119.90 -5.89  0.70 N 
53  1 "C3'" A DG 7  ? ? "O3'" A DG 7  ? ? P     A DT 8  ? ? 129.07 119.70 9.37   1.20 Y 
54  1 "O5'" A DT 8  ? ? P     A DT 8  ? ? OP2   A DT 8  ? ? 118.81 110.70 8.11   1.20 N 
55  1 P     A DT 8  ? ? "O5'" A DT 8  ? ? "C5'" A DT 8  ? ? 141.00 120.90 20.10  1.60 N 
56  1 "O4'" A DT 8  ? ? "C4'" A DT 8  ? ? "C3'" A DT 8  ? ? 101.43 104.50 -3.07  0.40 N 
57  1 "C1'" A DT 8  ? ? "O4'" A DT 8  ? ? "C4'" A DT 8  ? ? 103.07 110.10 -7.03  1.00 N 
58  1 N1    A DT 8  ? ? "C1'" A DT 8  ? ? "C2'" A DT 8  ? ? 127.53 114.30 13.23  1.40 N 
59  1 "O4'" A DT 8  ? ? "C1'" A DT 8  ? ? N1    A DT 8  ? ? 98.37  108.00 -9.63  0.70 N 
60  1 N1    A DT 8  ? ? C2    A DT 8  ? ? O2    A DT 8  ? ? 117.91 123.10 -5.19  0.80 N 
61  1 N3    A DT 8  ? ? C2    A DT 8  ? ? O2    A DT 8  ? ? 127.82 122.30 5.52   0.60 N 
62  1 N3    A DT 8  ? ? C4    A DT 8  ? ? O4    A DT 8  ? ? 132.91 119.90 13.01  0.60 N 
63  1 C5    A DT 8  ? ? C4    A DT 8  ? ? O4    A DT 8  ? ? 112.60 124.90 -12.30 0.70 N 
64  1 OP1   A DG 9  ? ? P     A DG 9  ? ? OP2   A DG 9  ? ? 142.86 119.60 23.26  1.50 N 
65  1 "O5'" A DG 9  ? ? P     A DG 9  ? ? OP2   A DG 9  ? ? 97.65  105.70 -8.05  0.90 N 
66  1 "O4'" A DG 9  ? ? "C4'" A DG 9  ? ? "C3'" A DG 9  ? ? 100.60 104.50 -3.90  0.40 N 
67  1 "O4'" A DG 9  ? ? "C1'" A DG 9  ? ? N9    A DG 9  ? ? 113.22 108.30 4.92   0.30 N 
68  1 C2    A DG 9  ? ? N3    A DG 9  ? ? C4    A DG 9  ? ? 108.82 111.90 -3.08  0.50 N 
69  1 N9    A DG 9  ? ? C4    A DG 9  ? ? C5    A DG 9  ? ? 108.40 105.40 3.00   0.40 N 
70  1 N3    A DG 9  ? ? C2    A DG 9  ? ? N2    A DG 9  ? ? 114.05 119.90 -5.85  0.70 N 
71  1 N1    A DG 9  ? ? C6    A DG 9  ? ? O6    A DG 9  ? ? 130.31 119.90 10.41  0.60 N 
72  1 C5    A DG 9  ? ? C6    A DG 9  ? ? O6    A DG 9  ? ? 121.17 128.60 -7.43  0.60 N 
73  1 "O5'" A DG 10 ? ? P     A DG 10 ? ? OP1   A DG 10 ? ? 99.10  105.70 -6.60  0.90 N 
74  1 P     A DG 10 ? ? "O5'" A DG 10 ? ? "C5'" A DG 10 ? ? 140.73 120.90 19.83  1.60 N 
75  1 "O4'" A DG 10 ? ? "C1'" A DG 10 ? ? N9    A DG 10 ? ? 110.94 108.30 2.64   0.30 N 
76  1 N1    A DG 10 ? ? C2    A DG 10 ? ? N2    A DG 10 ? ? 126.73 116.20 10.53  0.90 N 
77  1 N3    A DG 10 ? ? C2    A DG 10 ? ? N2    A DG 10 ? ? 111.66 119.90 -8.24  0.70 N 
78  1 "O4'" B DC 11 ? ? "C1'" B DC 11 ? ? "C2'" B DC 11 ? ? 99.88  105.90 -6.02  0.80 N 
79  1 "O4'" B DC 11 ? ? "C1'" B DC 11 ? ? N1    B DC 11 ? ? 96.71  108.00 -11.29 0.70 N 
80  1 N1    B DC 11 ? ? C2    B DC 11 ? ? O2    B DC 11 ? ? 114.43 118.90 -4.47  0.60 N 
81  1 N3    B DC 11 ? ? C2    B DC 11 ? ? O2    B DC 11 ? ? 128.03 121.90 6.13   0.70 N 
82  1 N3    B DC 11 ? ? C4    B DC 11 ? ? N4    B DC 11 ? ? 129.25 118.00 11.25  0.70 N 
83  1 C5    B DC 11 ? ? C4    B DC 11 ? ? N4    B DC 11 ? ? 109.43 120.20 -10.77 0.70 N 
84  1 "C3'" B DC 11 ? ? "O3'" B DC 11 ? ? P     B DC 12 ? ? 128.70 119.70 9.00   1.20 Y 
85  1 "O5'" B DC 12 ? ? P     B DC 12 ? ? OP1   B DC 12 ? ? 97.67  105.70 -8.03  0.90 N 
86  1 "C1'" B DC 12 ? ? "O4'" B DC 12 ? ? "C4'" B DC 12 ? ? 103.50 110.10 -6.60  1.00 N 
87  1 N1    B DC 12 ? ? "C1'" B DC 12 ? ? "C2'" B DC 12 ? ? 129.37 114.30 15.07  1.40 N 
88  1 N1    B DC 12 ? ? C2    B DC 12 ? ? O2    B DC 12 ? ? 111.96 118.90 -6.94  0.60 N 
89  1 N3    B DC 12 ? ? C2    B DC 12 ? ? O2    B DC 12 ? ? 131.05 121.90 9.15   0.70 N 
90  1 "O4'" B DA 13 ? ? "C4'" B DA 13 ? ? "C3'" B DA 13 ? ? 101.62 104.50 -2.88  0.40 N 
91  1 "O4'" B DA 13 ? ? "C1'" B DA 13 ? ? "C2'" B DA 13 ? ? 98.05  105.90 -7.85  0.80 N 
92  1 "O4'" B DA 13 ? ? "C1'" B DA 13 ? ? N9    B DA 13 ? ? 110.38 108.30 2.08   0.30 N 
93  1 C4    B DA 13 ? ? C5    B DA 13 ? ? C6    B DA 13 ? ? 120.27 117.00 3.27   0.50 N 
94  1 C5    B DA 13 ? ? C6    B DA 13 ? ? N1    B DA 13 ? ? 114.46 117.70 -3.24  0.50 N 
95  1 N1    B DA 13 ? ? C6    B DA 13 ? ? N6    B DA 13 ? ? 124.85 118.60 6.25   0.60 N 
96  1 "O3'" B DA 13 ? ? P     B DC 14 ? ? OP1   B DC 14 ? ? 119.17 110.50 8.67   1.10 Y 
97  1 P     B DC 14 ? ? "O5'" B DC 14 ? ? "C5'" B DC 14 ? ? 108.62 120.90 -12.28 1.60 N 
98  1 "C1'" B DC 14 ? ? "O4'" B DC 14 ? ? "C4'" B DC 14 ? ? 97.79  110.10 -12.31 1.00 N 
99  1 "O4'" B DC 14 ? ? "C1'" B DC 14 ? ? N1    B DC 14 ? ? 110.22 108.30 1.92   0.30 N 
100 1 C2    B DC 14 ? ? N3    B DC 14 ? ? C4    B DC 14 ? ? 125.07 119.90 5.17   0.50 N 
101 1 N3    B DC 14 ? ? C4    B DC 14 ? ? C5    B DC 14 ? ? 116.95 121.90 -4.95  0.40 N 
102 1 C4    B DC 14 ? ? C5    B DC 14 ? ? C6    B DC 14 ? ? 120.73 117.40 3.33   0.50 N 
103 1 N1    B DC 14 ? ? C2    B DC 14 ? ? O2    B DC 14 ? ? 109.29 118.90 -9.61  0.60 N 
104 1 N3    B DC 14 ? ? C2    B DC 14 ? ? O2    B DC 14 ? ? 133.22 121.90 11.32  0.70 N 
105 1 N3    B DC 14 ? ? C4    B DC 14 ? ? N4    B DC 14 ? ? 130.41 118.00 12.41  0.70 N 
106 1 C5    B DC 14 ? ? C4    B DC 14 ? ? N4    B DC 14 ? ? 112.61 120.20 -7.59  0.70 N 
107 1 "O3'" B DC 14 ? ? P     B DT 15 ? ? OP1   B DT 15 ? ? 119.54 110.50 9.04   1.10 Y 
108 1 C4    B DT 15 ? ? C5    B DT 15 ? ? C6    B DT 15 ? ? 121.65 118.00 3.65   0.60 N 
109 1 C5    B DT 15 ? ? C6    B DT 15 ? ? N1    B DT 15 ? ? 119.78 123.70 -3.92  0.60 N 
110 1 N3    B DT 15 ? ? C2    B DT 15 ? ? O2    B DT 15 ? ? 126.12 122.30 3.82   0.60 N 
111 1 N3    B DT 15 ? ? C4    B DT 15 ? ? O4    B DT 15 ? ? 124.67 119.90 4.77   0.60 N 
112 1 "C3'" B DT 15 ? ? "O3'" B DT 15 ? ? P     B DA 16 ? ? 132.55 119.70 12.85  1.20 Y 
113 1 "O3'" B DT 15 ? ? P     B DA 16 ? ? "O5'" B DA 16 ? ? 92.42  104.00 -11.58 1.90 Y 
114 1 "O5'" B DA 16 ? ? P     B DA 16 ? ? OP1   B DA 16 ? ? 99.92  105.70 -5.78  0.90 N 
115 1 P     B DA 16 ? ? "O5'" B DA 16 ? ? "C5'" B DA 16 ? ? 137.28 120.90 16.38  1.60 N 
116 1 "O4'" B DA 16 ? ? "C1'" B DA 16 ? ? "C2'" B DA 16 ? ? 97.73  105.90 -8.17  0.80 N 
117 1 C6    B DA 16 ? ? N1    B DA 16 ? ? C2    B DA 16 ? ? 126.02 118.60 7.42   0.60 N 
118 1 N1    B DA 16 ? ? C2    B DA 16 ? ? N3    B DA 16 ? ? 121.74 129.30 -7.56  0.50 N 
119 1 C2    B DA 16 ? ? N3    B DA 16 ? ? C4    B DA 16 ? ? 115.70 110.60 5.10   0.50 N 
120 1 C8    B DA 16 ? ? N9    B DA 16 ? ? C4    B DA 16 ? ? 103.32 105.80 -2.48  0.40 N 
121 1 N9    B DA 16 ? ? C4    B DA 16 ? ? C5    B DA 16 ? ? 109.06 105.80 3.26   0.40 N 
122 1 OP1   B DG 17 ? ? P     B DG 17 ? ? OP2   B DG 17 ? ? 105.18 119.60 -14.42 1.50 N 
123 1 "O4'" B DG 17 ? ? "C4'" B DG 17 ? ? "C3'" B DG 17 ? ? 101.89 104.50 -2.61  0.40 N 
124 1 "O4'" B DG 17 ? ? "C1'" B DG 17 ? ? "C2'" B DG 17 ? ? 95.51  105.90 -10.39 0.80 N 
125 1 N1    B DG 17 ? ? C2    B DG 17 ? ? N2    B DG 17 ? ? 124.23 116.20 8.03   0.90 N 
126 1 N3    B DG 17 ? ? C2    B DG 17 ? ? N2    B DG 17 ? ? 112.32 119.90 -7.58  0.70 N 
127 1 N1    B DG 17 ? ? C6    B DG 17 ? ? O6    B DG 17 ? ? 127.51 119.90 7.61   0.60 N 
128 1 C5    B DG 17 ? ? C6    B DG 17 ? ? O6    B DG 17 ? ? 119.57 128.60 -9.03  0.60 N 
129 1 "O3'" B DG 17 ? ? P     B DT 18 ? ? OP2   B DT 18 ? ? 119.10 110.50 8.60   1.10 Y 
130 1 "O3'" B DG 17 ? ? P     B DT 18 ? ? OP1   B DT 18 ? ? 91.19  105.20 -14.01 2.20 Y 
131 1 OP1   B DT 18 ? ? P     B DT 18 ? ? OP2   B DT 18 ? ? 133.51 119.60 13.91  1.50 N 
132 1 "O5'" B DT 18 ? ? P     B DT 18 ? ? OP1   B DT 18 ? ? 96.09  105.70 -9.61  0.90 N 
133 1 P     B DT 18 ? ? "O5'" B DT 18 ? ? "C5'" B DT 18 ? ? 107.50 120.90 -13.40 1.60 N 
134 1 "O4'" B DT 18 ? ? "C1'" B DT 18 ? ? N1    B DT 18 ? ? 110.30 108.30 2.00   0.30 N 
135 1 N1    B DT 18 ? ? C2    B DT 18 ? ? O2    B DT 18 ? ? 117.84 123.10 -5.26  0.80 N 
136 1 N3    B DT 18 ? ? C2    B DT 18 ? ? O2    B DT 18 ? ? 129.62 122.30 7.32   0.60 N 
137 1 N3    B DT 18 ? ? C4    B DT 18 ? ? O4    B DT 18 ? ? 124.71 119.90 4.81   0.60 N 
138 1 C5    B DT 18 ? ? C4    B DT 18 ? ? O4    B DT 18 ? ? 119.62 124.90 -5.28  0.70 N 
139 1 C4    B DT 18 ? ? C5    B DT 18 ? ? C7    B DT 18 ? ? 124.21 119.00 5.21   0.60 N 
140 1 C6    B DT 18 ? ? C5    B DT 18 ? ? C7    B DT 18 ? ? 117.45 122.90 -5.45  0.60 N 
141 1 OP1   B DG 19 ? ? P     B DG 19 ? ? OP2   B DG 19 ? ? 132.55 119.60 12.95  1.50 N 
142 1 "C5'" B DG 19 ? ? "C4'" B DG 19 ? ? "O4'" B DG 19 ? ? 116.74 109.80 6.94   1.10 N 
143 1 "O4'" B DG 19 ? ? "C1'" B DG 19 ? ? N9    B DG 19 ? ? 102.15 108.00 -5.85  0.70 N 
144 1 N1    B DG 19 ? ? C2    B DG 19 ? ? N2    B DG 19 ? ? 124.88 116.20 8.68   0.90 N 
145 1 N3    B DG 19 ? ? C2    B DG 19 ? ? N2    B DG 19 ? ? 110.02 119.90 -9.88  0.70 N 
146 1 N1    B DG 19 ? ? C6    B DG 19 ? ? O6    B DG 19 ? ? 123.58 119.90 3.68   0.60 N 
147 1 "O4'" B DG 20 ? ? "C1'" B DG 20 ? ? "C2'" B DG 20 ? ? 99.65  105.90 -6.25  0.80 N 
148 1 "O4'" B DG 20 ? ? "C1'" B DG 20 ? ? N9    B DG 20 ? ? 111.45 108.30 3.15   0.30 N 
149 1 N3    B DG 20 ? ? C4    B DG 20 ? ? C5    B DG 20 ? ? 125.12 128.60 -3.48  0.50 N 
150 1 C5    B DG 20 ? ? N7    B DG 20 ? ? C8    B DG 20 ? ? 107.70 104.30 3.40   0.50 N 
151 1 N9    B DG 20 ? ? C4    B DG 20 ? ? C5    B DG 20 ? ? 107.96 105.40 2.56   0.40 N 
152 1 N1    B DG 20 ? ? C2    B DG 20 ? ? N2    B DG 20 ? ? 133.00 116.20 16.80  0.90 N 
153 1 N3    B DG 20 ? ? C2    B DG 20 ? ? N2    B DG 20 ? ? 104.07 119.90 -15.83 0.70 N 
# 
_pdbx_struct_special_symmetry.id              1 
_pdbx_struct_special_symmetry.PDB_model_num   1 
_pdbx_struct_special_symmetry.auth_asym_id    B 
_pdbx_struct_special_symmetry.auth_comp_id    HOH 
_pdbx_struct_special_symmetry.auth_seq_id     149 
_pdbx_struct_special_symmetry.PDB_ins_code    ? 
_pdbx_struct_special_symmetry.label_asym_id   D 
_pdbx_struct_special_symmetry.label_comp_id   HOH 
_pdbx_struct_special_symmetry.label_seq_id    . 
# 
loop_
_pdbx_distant_solvent_atoms.id 
_pdbx_distant_solvent_atoms.PDB_model_num 
_pdbx_distant_solvent_atoms.auth_atom_id 
_pdbx_distant_solvent_atoms.label_alt_id 
_pdbx_distant_solvent_atoms.auth_asym_id 
_pdbx_distant_solvent_atoms.auth_comp_id 
_pdbx_distant_solvent_atoms.auth_seq_id 
_pdbx_distant_solvent_atoms.PDB_ins_code 
_pdbx_distant_solvent_atoms.neighbor_macromolecule_distance 
_pdbx_distant_solvent_atoms.neighbor_ligand_distance 
1 1 O ? A HOH 157 ? 7.63 . 
2 1 O ? B HOH 164 ? 6.74 . 
# 
loop_
_chem_comp_atom.comp_id 
_chem_comp_atom.atom_id 
_chem_comp_atom.type_symbol 
_chem_comp_atom.pdbx_aromatic_flag 
_chem_comp_atom.pdbx_stereo_config 
_chem_comp_atom.pdbx_ordinal 
DA  OP3    O N N 1   
DA  P      P N N 2   
DA  OP1    O N N 3   
DA  OP2    O N N 4   
DA  "O5'"  O N N 5   
DA  "C5'"  C N N 6   
DA  "C4'"  C N R 7   
DA  "O4'"  O N N 8   
DA  "C3'"  C N S 9   
DA  "O3'"  O N N 10  
DA  "C2'"  C N N 11  
DA  "C1'"  C N R 12  
DA  N9     N Y N 13  
DA  C8     C Y N 14  
DA  N7     N Y N 15  
DA  C5     C Y N 16  
DA  C6     C Y N 17  
DA  N6     N N N 18  
DA  N1     N Y N 19  
DA  C2     C Y N 20  
DA  N3     N Y N 21  
DA  C4     C Y N 22  
DA  HOP3   H N N 23  
DA  HOP2   H N N 24  
DA  "H5'"  H N N 25  
DA  "H5''" H N N 26  
DA  "H4'"  H N N 27  
DA  "H3'"  H N N 28  
DA  "HO3'" H N N 29  
DA  "H2'"  H N N 30  
DA  "H2''" H N N 31  
DA  "H1'"  H N N 32  
DA  H8     H N N 33  
DA  H61    H N N 34  
DA  H62    H N N 35  
DA  H2     H N N 36  
DC  OP3    O N N 37  
DC  P      P N N 38  
DC  OP1    O N N 39  
DC  OP2    O N N 40  
DC  "O5'"  O N N 41  
DC  "C5'"  C N N 42  
DC  "C4'"  C N R 43  
DC  "O4'"  O N N 44  
DC  "C3'"  C N S 45  
DC  "O3'"  O N N 46  
DC  "C2'"  C N N 47  
DC  "C1'"  C N R 48  
DC  N1     N N N 49  
DC  C2     C N N 50  
DC  O2     O N N 51  
DC  N3     N N N 52  
DC  C4     C N N 53  
DC  N4     N N N 54  
DC  C5     C N N 55  
DC  C6     C N N 56  
DC  HOP3   H N N 57  
DC  HOP2   H N N 58  
DC  "H5'"  H N N 59  
DC  "H5''" H N N 60  
DC  "H4'"  H N N 61  
DC  "H3'"  H N N 62  
DC  "HO3'" H N N 63  
DC  "H2'"  H N N 64  
DC  "H2''" H N N 65  
DC  "H1'"  H N N 66  
DC  H41    H N N 67  
DC  H42    H N N 68  
DC  H5     H N N 69  
DC  H6     H N N 70  
DG  OP3    O N N 71  
DG  P      P N N 72  
DG  OP1    O N N 73  
DG  OP2    O N N 74  
DG  "O5'"  O N N 75  
DG  "C5'"  C N N 76  
DG  "C4'"  C N R 77  
DG  "O4'"  O N N 78  
DG  "C3'"  C N S 79  
DG  "O3'"  O N N 80  
DG  "C2'"  C N N 81  
DG  "C1'"  C N R 82  
DG  N9     N Y N 83  
DG  C8     C Y N 84  
DG  N7     N Y N 85  
DG  C5     C Y N 86  
DG  C6     C N N 87  
DG  O6     O N N 88  
DG  N1     N N N 89  
DG  C2     C N N 90  
DG  N2     N N N 91  
DG  N3     N N N 92  
DG  C4     C Y N 93  
DG  HOP3   H N N 94  
DG  HOP2   H N N 95  
DG  "H5'"  H N N 96  
DG  "H5''" H N N 97  
DG  "H4'"  H N N 98  
DG  "H3'"  H N N 99  
DG  "HO3'" H N N 100 
DG  "H2'"  H N N 101 
DG  "H2''" H N N 102 
DG  "H1'"  H N N 103 
DG  H8     H N N 104 
DG  H1     H N N 105 
DG  H21    H N N 106 
DG  H22    H N N 107 
DT  OP3    O N N 108 
DT  P      P N N 109 
DT  OP1    O N N 110 
DT  OP2    O N N 111 
DT  "O5'"  O N N 112 
DT  "C5'"  C N N 113 
DT  "C4'"  C N R 114 
DT  "O4'"  O N N 115 
DT  "C3'"  C N S 116 
DT  "O3'"  O N N 117 
DT  "C2'"  C N N 118 
DT  "C1'"  C N R 119 
DT  N1     N N N 120 
DT  C2     C N N 121 
DT  O2     O N N 122 
DT  N3     N N N 123 
DT  C4     C N N 124 
DT  O4     O N N 125 
DT  C5     C N N 126 
DT  C7     C N N 127 
DT  C6     C N N 128 
DT  HOP3   H N N 129 
DT  HOP2   H N N 130 
DT  "H5'"  H N N 131 
DT  "H5''" H N N 132 
DT  "H4'"  H N N 133 
DT  "H3'"  H N N 134 
DT  "HO3'" H N N 135 
DT  "H2'"  H N N 136 
DT  "H2''" H N N 137 
DT  "H1'"  H N N 138 
DT  H3     H N N 139 
DT  H71    H N N 140 
DT  H72    H N N 141 
DT  H73    H N N 142 
DT  H6     H N N 143 
HOH O      O N N 144 
HOH H1     H N N 145 
HOH H2     H N N 146 
# 
loop_
_chem_comp_bond.comp_id 
_chem_comp_bond.atom_id_1 
_chem_comp_bond.atom_id_2 
_chem_comp_bond.value_order 
_chem_comp_bond.pdbx_aromatic_flag 
_chem_comp_bond.pdbx_stereo_config 
_chem_comp_bond.pdbx_ordinal 
DA  OP3   P      sing N N 1   
DA  OP3   HOP3   sing N N 2   
DA  P     OP1    doub N N 3   
DA  P     OP2    sing N N 4   
DA  P     "O5'"  sing N N 5   
DA  OP2   HOP2   sing N N 6   
DA  "O5'" "C5'"  sing N N 7   
DA  "C5'" "C4'"  sing N N 8   
DA  "C5'" "H5'"  sing N N 9   
DA  "C5'" "H5''" sing N N 10  
DA  "C4'" "O4'"  sing N N 11  
DA  "C4'" "C3'"  sing N N 12  
DA  "C4'" "H4'"  sing N N 13  
DA  "O4'" "C1'"  sing N N 14  
DA  "C3'" "O3'"  sing N N 15  
DA  "C3'" "C2'"  sing N N 16  
DA  "C3'" "H3'"  sing N N 17  
DA  "O3'" "HO3'" sing N N 18  
DA  "C2'" "C1'"  sing N N 19  
DA  "C2'" "H2'"  sing N N 20  
DA  "C2'" "H2''" sing N N 21  
DA  "C1'" N9     sing N N 22  
DA  "C1'" "H1'"  sing N N 23  
DA  N9    C8     sing Y N 24  
DA  N9    C4     sing Y N 25  
DA  C8    N7     doub Y N 26  
DA  C8    H8     sing N N 27  
DA  N7    C5     sing Y N 28  
DA  C5    C6     sing Y N 29  
DA  C5    C4     doub Y N 30  
DA  C6    N6     sing N N 31  
DA  C6    N1     doub Y N 32  
DA  N6    H61    sing N N 33  
DA  N6    H62    sing N N 34  
DA  N1    C2     sing Y N 35  
DA  C2    N3     doub Y N 36  
DA  C2    H2     sing N N 37  
DA  N3    C4     sing Y N 38  
DC  OP3   P      sing N N 39  
DC  OP3   HOP3   sing N N 40  
DC  P     OP1    doub N N 41  
DC  P     OP2    sing N N 42  
DC  P     "O5'"  sing N N 43  
DC  OP2   HOP2   sing N N 44  
DC  "O5'" "C5'"  sing N N 45  
DC  "C5'" "C4'"  sing N N 46  
DC  "C5'" "H5'"  sing N N 47  
DC  "C5'" "H5''" sing N N 48  
DC  "C4'" "O4'"  sing N N 49  
DC  "C4'" "C3'"  sing N N 50  
DC  "C4'" "H4'"  sing N N 51  
DC  "O4'" "C1'"  sing N N 52  
DC  "C3'" "O3'"  sing N N 53  
DC  "C3'" "C2'"  sing N N 54  
DC  "C3'" "H3'"  sing N N 55  
DC  "O3'" "HO3'" sing N N 56  
DC  "C2'" "C1'"  sing N N 57  
DC  "C2'" "H2'"  sing N N 58  
DC  "C2'" "H2''" sing N N 59  
DC  "C1'" N1     sing N N 60  
DC  "C1'" "H1'"  sing N N 61  
DC  N1    C2     sing N N 62  
DC  N1    C6     sing N N 63  
DC  C2    O2     doub N N 64  
DC  C2    N3     sing N N 65  
DC  N3    C4     doub N N 66  
DC  C4    N4     sing N N 67  
DC  C4    C5     sing N N 68  
DC  N4    H41    sing N N 69  
DC  N4    H42    sing N N 70  
DC  C5    C6     doub N N 71  
DC  C5    H5     sing N N 72  
DC  C6    H6     sing N N 73  
DG  OP3   P      sing N N 74  
DG  OP3   HOP3   sing N N 75  
DG  P     OP1    doub N N 76  
DG  P     OP2    sing N N 77  
DG  P     "O5'"  sing N N 78  
DG  OP2   HOP2   sing N N 79  
DG  "O5'" "C5'"  sing N N 80  
DG  "C5'" "C4'"  sing N N 81  
DG  "C5'" "H5'"  sing N N 82  
DG  "C5'" "H5''" sing N N 83  
DG  "C4'" "O4'"  sing N N 84  
DG  "C4'" "C3'"  sing N N 85  
DG  "C4'" "H4'"  sing N N 86  
DG  "O4'" "C1'"  sing N N 87  
DG  "C3'" "O3'"  sing N N 88  
DG  "C3'" "C2'"  sing N N 89  
DG  "C3'" "H3'"  sing N N 90  
DG  "O3'" "HO3'" sing N N 91  
DG  "C2'" "C1'"  sing N N 92  
DG  "C2'" "H2'"  sing N N 93  
DG  "C2'" "H2''" sing N N 94  
DG  "C1'" N9     sing N N 95  
DG  "C1'" "H1'"  sing N N 96  
DG  N9    C8     sing Y N 97  
DG  N9    C4     sing Y N 98  
DG  C8    N7     doub Y N 99  
DG  C8    H8     sing N N 100 
DG  N7    C5     sing Y N 101 
DG  C5    C6     sing N N 102 
DG  C5    C4     doub Y N 103 
DG  C6    O6     doub N N 104 
DG  C6    N1     sing N N 105 
DG  N1    C2     sing N N 106 
DG  N1    H1     sing N N 107 
DG  C2    N2     sing N N 108 
DG  C2    N3     doub N N 109 
DG  N2    H21    sing N N 110 
DG  N2    H22    sing N N 111 
DG  N3    C4     sing N N 112 
DT  OP3   P      sing N N 113 
DT  OP3   HOP3   sing N N 114 
DT  P     OP1    doub N N 115 
DT  P     OP2    sing N N 116 
DT  P     "O5'"  sing N N 117 
DT  OP2   HOP2   sing N N 118 
DT  "O5'" "C5'"  sing N N 119 
DT  "C5'" "C4'"  sing N N 120 
DT  "C5'" "H5'"  sing N N 121 
DT  "C5'" "H5''" sing N N 122 
DT  "C4'" "O4'"  sing N N 123 
DT  "C4'" "C3'"  sing N N 124 
DT  "C4'" "H4'"  sing N N 125 
DT  "O4'" "C1'"  sing N N 126 
DT  "C3'" "O3'"  sing N N 127 
DT  "C3'" "C2'"  sing N N 128 
DT  "C3'" "H3'"  sing N N 129 
DT  "O3'" "HO3'" sing N N 130 
DT  "C2'" "C1'"  sing N N 131 
DT  "C2'" "H2'"  sing N N 132 
DT  "C2'" "H2''" sing N N 133 
DT  "C1'" N1     sing N N 134 
DT  "C1'" "H1'"  sing N N 135 
DT  N1    C2     sing N N 136 
DT  N1    C6     sing N N 137 
DT  C2    O2     doub N N 138 
DT  C2    N3     sing N N 139 
DT  N3    C4     sing N N 140 
DT  N3    H3     sing N N 141 
DT  C4    O4     doub N N 142 
DT  C4    C5     sing N N 143 
DT  C5    C7     sing N N 144 
DT  C5    C6     doub N N 145 
DT  C7    H71    sing N N 146 
DT  C7    H72    sing N N 147 
DT  C7    H73    sing N N 148 
DT  C6    H6     sing N N 149 
HOH O     H1     sing N N 150 
HOH O     H2     sing N N 151 
# 
loop_
_ndb_struct_conf_na.entry_id 
_ndb_struct_conf_na.feature 
7KCI 'double helix'        
7KCI 'b-form double helix' 
# 
loop_
_ndb_struct_na_base_pair.model_number 
_ndb_struct_na_base_pair.i_label_asym_id 
_ndb_struct_na_base_pair.i_label_comp_id 
_ndb_struct_na_base_pair.i_label_seq_id 
_ndb_struct_na_base_pair.i_symmetry 
_ndb_struct_na_base_pair.j_label_asym_id 
_ndb_struct_na_base_pair.j_label_comp_id 
_ndb_struct_na_base_pair.j_label_seq_id 
_ndb_struct_na_base_pair.j_symmetry 
_ndb_struct_na_base_pair.shear 
_ndb_struct_na_base_pair.stretch 
_ndb_struct_na_base_pair.stagger 
_ndb_struct_na_base_pair.buckle 
_ndb_struct_na_base_pair.propeller 
_ndb_struct_na_base_pair.opening 
_ndb_struct_na_base_pair.pair_number 
_ndb_struct_na_base_pair.pair_name 
_ndb_struct_na_base_pair.i_auth_asym_id 
_ndb_struct_na_base_pair.i_auth_seq_id 
_ndb_struct_na_base_pair.i_PDB_ins_code 
_ndb_struct_na_base_pair.j_auth_asym_id 
_ndb_struct_na_base_pair.j_auth_seq_id 
_ndb_struct_na_base_pair.j_PDB_ins_code 
_ndb_struct_na_base_pair.hbond_type_28 
_ndb_struct_na_base_pair.hbond_type_12 
1 A DC 1  1_555 B DG 10 1_555 0.288  -0.556 0.217  -6.310  -0.521  -1.538 1  A_DC1:DG20_B  A 1  ? B 20 ? 19 1 
1 A DC 2  1_555 B DG 9  1_555 0.020  -0.466 0.017  -2.224  -5.474  -0.307 2  A_DC2:DG19_B  A 2  ? B 19 ? 19 1 
1 A DA 3  1_555 B DT 8  1_555 0.158  -0.440 0.110  4.726   -9.653  3.138  3  A_DA3:DT18_B  A 3  ? B 18 ? 20 1 
1 A DC 4  1_555 B DG 7  1_555 0.033  -0.432 0.139  3.439   -14.707 -1.627 4  A_DC4:DG17_B  A 4  ? B 17 ? 19 1 
1 A DT 5  1_555 B DA 6  1_555 -0.087 -0.389 0.060  -1.021  -11.251 6.319  5  A_DT5:DA16_B  A 5  ? B 16 ? 20 1 
1 A DA 6  1_555 B DT 5  1_555 0.169  -0.430 0.124  -6.385  -7.419  -1.377 6  A_DA6:DT15_B  A 6  ? B 15 ? 20 1 
1 A DG 7  1_555 B DC 4  1_555 -0.087 -0.537 0.119  -13.093 -14.390 -2.005 7  A_DG7:DC14_B  A 7  ? B 14 ? 19 1 
1 A DT 8  1_555 B DA 3  1_555 -0.030 -0.424 0.237  -5.166  -5.743  2.245  8  A_DT8:DA13_B  A 8  ? B 13 ? 20 1 
1 A DG 9  1_555 B DC 2  1_555 0.099  -0.442 0.313  11.477  -4.058  0.058  9  A_DG9:DC12_B  A 9  ? B 12 ? 19 1 
1 A DG 10 1_555 B DC 1  1_555 -0.052 -0.439 -0.091 3.924   -5.143  -1.205 10 A_DG10:DC11_B A 10 ? B 11 ? 19 1 
# 
loop_
_ndb_struct_na_base_pair_step.model_number 
_ndb_struct_na_base_pair_step.i_label_asym_id_1 
_ndb_struct_na_base_pair_step.i_label_comp_id_1 
_ndb_struct_na_base_pair_step.i_label_seq_id_1 
_ndb_struct_na_base_pair_step.i_symmetry_1 
_ndb_struct_na_base_pair_step.j_label_asym_id_1 
_ndb_struct_na_base_pair_step.j_label_comp_id_1 
_ndb_struct_na_base_pair_step.j_label_seq_id_1 
_ndb_struct_na_base_pair_step.j_symmetry_1 
_ndb_struct_na_base_pair_step.i_label_asym_id_2 
_ndb_struct_na_base_pair_step.i_label_comp_id_2 
_ndb_struct_na_base_pair_step.i_label_seq_id_2 
_ndb_struct_na_base_pair_step.i_symmetry_2 
_ndb_struct_na_base_pair_step.j_label_asym_id_2 
_ndb_struct_na_base_pair_step.j_label_comp_id_2 
_ndb_struct_na_base_pair_step.j_label_seq_id_2 
_ndb_struct_na_base_pair_step.j_symmetry_2 
_ndb_struct_na_base_pair_step.shift 
_ndb_struct_na_base_pair_step.slide 
_ndb_struct_na_base_pair_step.rise 
_ndb_struct_na_base_pair_step.tilt 
_ndb_struct_na_base_pair_step.roll 
_ndb_struct_na_base_pair_step.twist 
_ndb_struct_na_base_pair_step.x_displacement 
_ndb_struct_na_base_pair_step.y_displacement 
_ndb_struct_na_base_pair_step.helical_rise 
_ndb_struct_na_base_pair_step.inclination 
_ndb_struct_na_base_pair_step.tip 
_ndb_struct_na_base_pair_step.helical_twist 
_ndb_struct_na_base_pair_step.step_number 
_ndb_struct_na_base_pair_step.step_name 
_ndb_struct_na_base_pair_step.i_auth_asym_id_1 
_ndb_struct_na_base_pair_step.i_auth_seq_id_1 
_ndb_struct_na_base_pair_step.i_PDB_ins_code_1 
_ndb_struct_na_base_pair_step.j_auth_asym_id_1 
_ndb_struct_na_base_pair_step.j_auth_seq_id_1 
_ndb_struct_na_base_pair_step.j_PDB_ins_code_1 
_ndb_struct_na_base_pair_step.i_auth_asym_id_2 
_ndb_struct_na_base_pair_step.i_auth_seq_id_2 
_ndb_struct_na_base_pair_step.i_PDB_ins_code_2 
_ndb_struct_na_base_pair_step.j_auth_asym_id_2 
_ndb_struct_na_base_pair_step.j_auth_seq_id_2 
_ndb_struct_na_base_pair_step.j_PDB_ins_code_2 
1 A DC 1 1_555 B DG 10 1_555 A DC 2  1_555 B DG 9 1_555 0.070  0.154  3.268 1.900  1.244  28.802 0.032  0.283  3.269 2.495  -3.812 
28.889 1 AA_DC1DC2:DG19DG20_BB  A 1 ? B 20 ? A 2  ? B 19 ? 
1 A DC 2 1_555 B DG 9  1_555 A DA 3  1_555 B DT 8 1_555 0.153  0.597  3.082 -0.341 5.396  37.987 0.265  -0.274 3.133 8.238  0.520  
38.356 2 AA_DC2DA3:DT18DG19_BB  A 2 ? B 19 ? A 3  ? B 18 ? 
1 A DA 3 1_555 B DT 8  1_555 A DC 4  1_555 B DG 7 1_555 0.066  -0.936 3.271 -2.442 -0.697 27.315 -1.801 -0.743 3.276 -1.473 5.156  
27.430 3 AA_DA3DC4:DG17DT18_BB  A 3 ? B 18 ? A 4  ? B 17 ? 
1 A DC 4 1_555 B DG 7  1_555 A DT 5  1_555 B DA 6 1_555 0.174  -0.623 3.293 2.406  -0.069 35.561 -1.007 0.068  3.299 -0.112 -3.933 
35.639 4 AA_DC4DT5:DA16DG17_BB  A 4 ? B 17 ? A 5  ? B 16 ? 
1 A DT 5 1_555 B DA 6  1_555 A DA 6  1_555 B DT 5 1_555 -0.219 -0.501 3.430 -0.875 -1.202 40.114 -0.587 0.215  3.447 -1.751 1.276  
40.140 5 AA_DT5DA6:DT15DA16_BB  A 5 ? B 16 ? A 6  ? B 15 ? 
1 A DA 6 1_555 B DT 5  1_555 A DG 7  1_555 B DC 4 1_555 0.141  -0.472 3.389 -2.867 4.849  36.633 -1.410 -0.616 3.283 7.659  4.528  
37.049 6 AA_DA6DG7:DC14DT15_BB  A 6 ? B 15 ? A 7  ? B 14 ? 
1 A DG 7 1_555 B DC 4  1_555 A DT 8  1_555 B DA 3 1_555 -0.423 -0.739 3.070 -0.053 -4.092 30.883 -0.631 0.778  3.141 -7.642 0.100  
31.147 7 AA_DG7DT8:DA13DC14_BB  A 7 ? B 14 ? A 8  ? B 13 ? 
1 A DT 8 1_555 B DA 3  1_555 A DG 9  1_555 B DC 2 1_555 0.164  1.187  2.903 -0.525 2.972  32.518 1.646  -0.374 2.994 5.293  0.935  
32.654 8 AA_DT8DG9:DC12DA13_BB  A 8 ? B 13 ? A 9  ? B 12 ? 
1 A DG 9 1_555 B DC 2  1_555 A DG 10 1_555 B DC 1 1_555 -0.590 0.604  3.500 3.488  1.763  33.174 0.739  1.642  3.448 3.075  -6.083 
33.397 9 AA_DG9DG10:DC11DC12_BB A 9 ? B 12 ? A 10 ? B 11 ? 
# 
loop_
_pdbx_audit_support.funding_organization 
_pdbx_audit_support.country 
_pdbx_audit_support.grant_number 
_pdbx_audit_support.ordinal 
'National Institutes of Health/National Institute of General Medical Sciences (NIH/NIGMS)' ? ? 1 
'Israel Science Foundation'                                                                ? ? 2 
'United States - Israel Binational Science Foundation (BSF)'                               ? ? 3 
# 
_pdbx_initial_refinement_model.accession_code   ? 
_pdbx_initial_refinement_model.id               1 
_pdbx_initial_refinement_model.entity_id_list   ? 
_pdbx_initial_refinement_model.type             'in silico model' 
_pdbx_initial_refinement_model.source_name      Other 
_pdbx_initial_refinement_model.details          'standard B-DNA model' 
# 
_atom_sites.entry_id                    7KCI 
_atom_sites.Cartn_transf_matrix[1][1]   ? 
_atom_sites.Cartn_transf_matrix[1][2]   ? 
_atom_sites.Cartn_transf_matrix[1][3]   ? 
_atom_sites.Cartn_transf_matrix[2][1]   ? 
_atom_sites.Cartn_transf_matrix[2][2]   ? 
_atom_sites.Cartn_transf_matrix[2][3]   ? 
_atom_sites.Cartn_transf_matrix[3][1]   ? 
_atom_sites.Cartn_transf_matrix[3][2]   ? 
_atom_sites.Cartn_transf_matrix[3][3]   ? 
_atom_sites.Cartn_transf_vector[1]      ? 
_atom_sites.Cartn_transf_vector[2]      ? 
_atom_sites.Cartn_transf_vector[3]      ? 
_atom_sites.fract_transf_matrix[1][1]   0.00013947 
_atom_sites.fract_transf_matrix[1][2]   -0.01323499 
_atom_sites.fract_transf_matrix[1][3]   -0.03250599 
_atom_sites.fract_transf_matrix[2][1]   0.02976316 
_atom_sites.fract_transf_matrix[2][2]   -0.01258425 
_atom_sites.fract_transf_matrix[2][3]   -0.01369636 
_atom_sites.fract_transf_matrix[3][1]   -0.00224531 
_atom_sites.fract_transf_matrix[3][2]   -0.00951746 
_atom_sites.fract_transf_matrix[3][3]   0.00386545 
_atom_sites.fract_transf_vector[1]      0.637066 
_atom_sites.fract_transf_vector[2]      0.813896 
_atom_sites.fract_transf_vector[3]      0.424186 
_atom_sites.solution_primary            ? 
_atom_sites.solution_secondary          ? 
_atom_sites.solution_hydrogens          ? 
_atom_sites.special_details             ? 
# 
loop_
_atom_type.symbol 
C 
N 
O 
P 
# 
loop_
_atom_site.group_PDB 
_atom_site.id 
_atom_site.type_symbol 
_atom_site.label_atom_id 
_atom_site.label_alt_id 
_atom_site.label_comp_id 
_atom_site.label_asym_id 
_atom_site.label_entity_id 
_atom_site.label_seq_id 
_atom_site.pdbx_PDB_ins_code 
_atom_site.Cartn_x 
_atom_site.Cartn_y 
_atom_site.Cartn_z 
_atom_site.occupancy 
_atom_site.B_iso_or_equiv 
_atom_site.pdbx_formal_charge 
_atom_site.auth_seq_id 
_atom_site.auth_comp_id 
_atom_site.auth_asym_id 
_atom_site.auth_atom_id 
_atom_site.pdbx_PDB_model_num 
ATOM   1   O "O5'" . DC  A 1 1  ? -15.020 -4.064  -5.797  1.00 18.66  ? 1   DC  A "O5'" 1 
ATOM   2   C "C5'" . DC  A 1 1  ? -15.951 -3.503  -6.817  1.00 17.60  ? 1   DC  A "C5'" 1 
ATOM   3   C "C4'" . DC  A 1 1  ? -15.545 -2.100  -7.186  1.00 16.65  ? 1   DC  A "C4'" 1 
ATOM   4   O "O4'" . DC  A 1 1  ? -15.683 -1.023  -6.273  1.00 15.99  ? 1   DC  A "O4'" 1 
ATOM   5   C "C3'" . DC  A 1 1  ? -14.063 -1.934  -7.574  1.00 16.45  ? 1   DC  A "C3'" 1 
ATOM   6   O "O3'" . DC  A 1 1  ? -14.187 -0.985  -8.647  1.00 17.23  ? 1   DC  A "O3'" 1 
ATOM   7   C "C2'" . DC  A 1 1  ? -13.442 -1.432  -6.315  1.00 15.82  ? 1   DC  A "C2'" 1 
ATOM   8   C "C1'" . DC  A 1 1  ? -14.449 -0.425  -5.791  1.00 14.93  ? 1   DC  A "C1'" 1 
ATOM   9   N N1    . DC  A 1 1  ? -14.400 -0.246  -4.338  1.00 13.71  ? 1   DC  A N1    1 
ATOM   10  C C2    . DC  A 1 1  ? -14.340 1.007   -3.779  1.00 13.19  ? 1   DC  A C2    1 
ATOM   11  O O2    . DC  A 1 1  ? -14.233 2.040   -4.461  1.00 13.46  ? 1   DC  A O2    1 
ATOM   12  N N3    . DC  A 1 1  ? -14.261 1.121   -2.444  1.00 13.08  ? 1   DC  A N3    1 
ATOM   13  C C4    . DC  A 1 1  ? -14.359 0.078   -1.655  1.00 13.08  ? 1   DC  A C4    1 
ATOM   14  N N4    . DC  A 1 1  ? -14.362 0.111   -0.333  1.00 13.05  ? 1   DC  A N4    1 
ATOM   15  C C5    . DC  A 1 1  ? -14.505 -1.274  -2.196  1.00 13.23  ? 1   DC  A C5    1 
ATOM   16  C C6    . DC  A 1 1  ? -14.515 -1.392  -3.527  1.00 13.35  ? 1   DC  A C6    1 
ATOM   17  P P     . DC  A 1 2  ? -13.534 -1.244  -10.095 1.00 18.26  ? 2   DC  A P     1 
ATOM   18  O OP1   . DC  A 1 2  ? -14.119 -0.507  -11.182 1.00 17.77  ? 2   DC  A OP1   1 
ATOM   19  O OP2   . DC  A 1 2  ? -13.370 -2.647  -9.988  1.00 18.32  ? 2   DC  A OP2   1 
ATOM   20  O "O5'" . DC  A 1 2  ? -12.144 -0.337  -9.668  1.00 18.07  ? 2   DC  A "O5'" 1 
ATOM   21  C "C5'" . DC  A 1 2  ? -12.698 1.083   -9.728  1.00 17.52  ? 2   DC  A "C5'" 1 
ATOM   22  C "C4'" . DC  A 1 2  ? -11.929 2.022   -8.908  1.00 16.77  ? 2   DC  A "C4'" 1 
ATOM   23  O "O4'" . DC  A 1 2  ? -12.094 1.720   -7.497  1.00 16.63  ? 2   DC  A "O4'" 1 
ATOM   24  C "C3'" . DC  A 1 2  ? -10.441 1.910   -9.148  1.00 16.76  ? 2   DC  A "C3'" 1 
ATOM   25  O "O3'" . DC  A 1 2  ? -10.023 3.310   -9.079  1.00 17.11  ? 2   DC  A "O3'" 1 
ATOM   26  C "C2'" . DC  A 1 2  ? -10.069 1.065   -7.907  1.00 16.45  ? 2   DC  A "C2'" 1 
ATOM   27  C "C1'" . DC  A 1 2  ? -10.809 1.939   -6.857  1.00 15.66  ? 2   DC  A "C1'" 1 
ATOM   28  N N1    . DC  A 1 2  ? -10.860 1.481   -5.480  1.00 15.04  ? 2   DC  A N1    1 
ATOM   29  C C2    . DC  A 1 2  ? -10.883 2.346   -4.347  1.00 14.75  ? 2   DC  A C2    1 
ATOM   30  O O2    . DC  A 1 2  ? -10.855 3.580   -4.604  1.00 14.47  ? 2   DC  A O2    1 
ATOM   31  N N3    . DC  A 1 2  ? -10.923 1.765   -3.111  1.00 14.68  ? 2   DC  A N3    1 
ATOM   32  C C4    . DC  A 1 2  ? -10.907 0.446   -2.961  1.00 14.41  ? 2   DC  A C4    1 
ATOM   33  N N4    . DC  A 1 2  ? -10.890 -0.205  -1.786  1.00 14.80  ? 2   DC  A N4    1 
ATOM   34  C C5    . DC  A 1 2  ? -10.910 -0.435  -4.070  1.00 14.54  ? 2   DC  A C5    1 
ATOM   35  C C6    . DC  A 1 2  ? -10.878 0.110   -5.298  1.00 14.51  ? 2   DC  A C6    1 
ATOM   36  P P     . DA  A 1 3  ? -9.210  3.789   -10.403 1.00 18.38  ? 3   DA  A P     1 
ATOM   37  O OP1   . DA  A 1 3  ? -10.111 4.664   -11.231 1.00 17.87  ? 3   DA  A OP1   1 
ATOM   38  O OP2   . DA  A 1 3  ? -8.274  2.809   -11.003 1.00 18.00  ? 3   DA  A OP2   1 
ATOM   39  O "O5'" . DA  A 1 3  ? -8.333  4.904   -9.580  1.00 15.69  ? 3   DA  A "O5'" 1 
ATOM   40  C "C5'" . DA  A 1 3  ? -9.169  5.880   -8.855  1.00 13.60  ? 3   DA  A "C5'" 1 
ATOM   41  C "C4'" . DA  A 1 3  ? -8.318  6.295   -7.673  1.00 13.01  ? 3   DA  A "C4'" 1 
ATOM   42  O "O4'" . DA  A 1 3  ? -8.361  5.204   -6.712  1.00 11.71  ? 3   DA  A "O4'" 1 
ATOM   43  C "C3'" . DA  A 1 3  ? -6.837  6.557   -7.951  1.00 12.63  ? 3   DA  A "C3'" 1 
ATOM   44  O "O3'" . DA  A 1 3  ? -6.526  7.923   -7.538  1.00 14.11  ? 3   DA  A "O3'" 1 
ATOM   45  C "C2'" . DA  A 1 3  ? -6.116  5.521   -7.111  1.00 11.75  ? 3   DA  A "C2'" 1 
ATOM   46  C "C1'" . DA  A 1 3  ? -7.106  5.255   -6.011  1.00 10.60  ? 3   DA  A "C1'" 1 
ATOM   47  N N9    . DA  A 1 3  ? -7.193  3.899   -5.391  1.00 9.56   ? 3   DA  A N9    1 
ATOM   48  C C8    . DA  A 1 3  ? -7.211  2.690   -6.022  1.00 9.15   ? 3   DA  A C8    1 
ATOM   49  N N7    . DA  A 1 3  ? -7.390  1.644   -5.209  1.00 9.12   ? 3   DA  A N7    1 
ATOM   50  C C5    . DA  A 1 3  ? -7.478  2.247   -3.933  1.00 8.69   ? 3   DA  A C5    1 
ATOM   51  C C6    . DA  A 1 3  ? -7.655  1.719   -2.619  1.00 8.41   ? 3   DA  A C6    1 
ATOM   52  N N6    . DA  A 1 3  ? -7.739  0.385   -2.539  1.00 8.15   ? 3   DA  A N6    1 
ATOM   53  N N1    . DA  A 1 3  ? -7.748  2.590   -1.664  1.00 7.99   ? 3   DA  A N1    1 
ATOM   54  C C2    . DA  A 1 3  ? -7.684  3.897   -1.931  1.00 8.37   ? 3   DA  A C2    1 
ATOM   55  N N3    . DA  A 1 3  ? -7.472  4.548   -3.075  1.00 8.52   ? 3   DA  A N3    1 
ATOM   56  C C4    . DA  A 1 3  ? -7.383  3.648   -4.050  1.00 8.83   ? 3   DA  A C4    1 
ATOM   57  P P     . DC  A 1 4  ? -5.109  8.587   -7.953  1.00 16.15  ? 4   DC  A P     1 
ATOM   58  O OP1   . DC  A 1 4  ? -5.329  10.053  -7.938  1.00 17.38  ? 4   DC  A OP1   1 
ATOM   59  O OP2   . DC  A 1 4  ? -4.383  7.628   -8.780  1.00 16.42  ? 4   DC  A OP2   1 
ATOM   60  O "O5'" . DC  A 1 4  ? -4.150  8.455   -6.581  1.00 16.47  ? 4   DC  A "O5'" 1 
ATOM   61  C "C5'" . DC  A 1 4  ? -4.940  8.965   -5.450  1.00 16.41  ? 4   DC  A "C5'" 1 
ATOM   62  C "C4'" . DC  A 1 4  ? -4.644  8.125   -4.240  1.00 16.01  ? 4   DC  A "C4'" 1 
ATOM   63  O "O4'" . DC  A 1 4  ? -4.636  6.688   -4.617  1.00 15.43  ? 4   DC  A "O4'" 1 
ATOM   64  C "C3'" . DC  A 1 4  ? -3.210  8.270   -3.724  1.00 15.96  ? 4   DC  A "C3'" 1 
ATOM   65  O "O3'" . DC  A 1 4  ? -3.010  9.549   -3.099  1.00 16.32  ? 4   DC  A "O3'" 1 
ATOM   66  C "C2'" . DC  A 1 4  ? -3.226  7.102   -2.728  1.00 15.57  ? 4   DC  A "C2'" 1 
ATOM   67  C "C1'" . DC  A 1 4  ? -4.282  6.164   -3.270  1.00 14.96  ? 4   DC  A "C1'" 1 
ATOM   68  N N1    . DC  A 1 4  ? -4.205  4.693   -3.228  1.00 14.38  ? 4   DC  A N1    1 
ATOM   69  C C2    . DC  A 1 4  ? -4.370  4.025   -1.967  1.00 13.75  ? 4   DC  A C2    1 
ATOM   70  O O2    . DC  A 1 4  ? -4.470  4.750   -1.016  1.00 13.59  ? 4   DC  A O2    1 
ATOM   71  N N3    . DC  A 1 4  ? -4.440  2.680   -1.955  1.00 13.58  ? 4   DC  A N3    1 
ATOM   72  C C4    . DC  A 1 4  ? -4.265  1.963   -3.025  1.00 13.43  ? 4   DC  A C4    1 
ATOM   73  N N4    . DC  A 1 4  ? -4.319  0.624   -3.067  1.00 13.47  ? 4   DC  A N4    1 
ATOM   74  C C5    . DC  A 1 4  ? -4.085  2.635   -4.319  1.00 13.63  ? 4   DC  A C5    1 
ATOM   75  C C6    . DC  A 1 4  ? -4.067  3.972   -4.405  1.00 13.56  ? 4   DC  A C6    1 
ATOM   76  P P     . DT  A 1 5  ? -1.686  9.831   -2.227  1.00 16.60  ? 5   DT  A P     1 
ATOM   77  O OP1   . DT  A 1 5  ? -2.017  11.207  -1.619  1.00 17.49  ? 5   DT  A OP1   1 
ATOM   78  O OP2   . DT  A 1 5  ? -0.483  9.849   -3.038  1.00 17.44  ? 5   DT  A OP2   1 
ATOM   79  O "O5'" . DT  A 1 5  ? -1.931  8.785   -1.067  1.00 13.82  ? 5   DT  A "O5'" 1 
ATOM   80  C "C5'" . DT  A 1 5  ? -2.365  9.220   0.219   1.00 11.94  ? 5   DT  A "C5'" 1 
ATOM   81  C "C4'" . DT  A 1 5  ? -2.086  7.998   1.071   1.00 11.27  ? 5   DT  A "C4'" 1 
ATOM   82  O "O4'" . DT  A 1 5  ? -2.158  6.749   0.361   1.00 10.51  ? 5   DT  A "O4'" 1 
ATOM   83  C "C3'" . DT  A 1 5  ? -0.636  8.108   1.485   1.00 10.93  ? 5   DT  A "C3'" 1 
ATOM   84  O "O3'" . DT  A 1 5  ? -0.679  8.232   2.904   1.00 11.12  ? 5   DT  A "O3'" 1 
ATOM   85  C "C2'" . DT  A 1 5  ? -0.012  6.797   1.052   1.00 10.75  ? 5   DT  A "C2'" 1 
ATOM   86  C "C1'" . DT  A 1 5  ? -1.192  5.834   1.023   1.00 9.96   ? 5   DT  A "C1'" 1 
ATOM   87  N N1    . DT  A 1 5  ? -1.094  4.674   0.139   1.00 9.29   ? 5   DT  A N1    1 
ATOM   88  C C2    . DT  A 1 5  ? -1.286  3.396   0.656   1.00 9.05   ? 5   DT  A C2    1 
ATOM   89  O O2    . DT  A 1 5  ? -1.485  3.229   1.837   1.00 9.31   ? 5   DT  A O2    1 
ATOM   90  N N3    . DT  A 1 5  ? -1.277  2.394   -0.281  1.00 8.95   ? 5   DT  A N3    1 
ATOM   91  C C4    . DT  A 1 5  ? -1.026  2.497   -1.638  1.00 8.86   ? 5   DT  A C4    1 
ATOM   92  O O4    . DT  A 1 5  ? -1.043  1.557   -2.359  1.00 8.68   ? 5   DT  A O4    1 
ATOM   93  C C5    . DT  A 1 5  ? -0.819  3.862   -2.115  1.00 8.87   ? 5   DT  A C5    1 
ATOM   94  C C7    . DT  A 1 5  ? -0.642  4.060   -3.571  1.00 9.14   ? 5   DT  A C7    1 
ATOM   95  C C6    . DT  A 1 5  ? -0.880  4.862   -1.240  1.00 8.82   ? 5   DT  A C6    1 
ATOM   96  P P     . DA  A 1 6  ? 0.654   8.380   3.681   1.00 11.64  ? 6   DA  A P     1 
ATOM   97  O OP1   . DA  A 1 6  ? 0.389   9.292   4.816   1.00 11.67  ? 6   DA  A OP1   1 
ATOM   98  O OP2   . DA  A 1 6  ? 1.791   8.751   2.744   1.00 10.97  ? 6   DA  A OP2   1 
ATOM   99  O "O5'" . DA  A 1 6  ? 0.966   6.898   4.224   1.00 11.07  ? 6   DA  A "O5'" 1 
ATOM   100 C "C5'" . DA  A 1 6  ? -0.138  6.398   5.066   1.00 11.18  ? 6   DA  A "C5'" 1 
ATOM   101 C "C4'" . DA  A 1 6  ? 0.350   5.015   5.541   1.00 11.06  ? 6   DA  A "C4'" 1 
ATOM   102 O "O4'" . DA  A 1 6  ? 0.405   4.073   4.446   1.00 10.95  ? 6   DA  A "O4'" 1 
ATOM   103 C "C3'" . DA  A 1 6  ? 1.791   5.002   6.036   1.00 11.07  ? 6   DA  A "C3'" 1 
ATOM   104 O "O3'" . DA  A 1 6  ? 1.668   4.234   7.256   1.00 11.89  ? 6   DA  A "O3'" 1 
ATOM   105 C "C2'" . DA  A 1 6  ? 2.587   4.240   4.959   1.00 11.09  ? 6   DA  A "C2'" 1 
ATOM   106 C "C1'" . DA  A 1 6  ? 1.584   3.236   4.440   1.00 10.11  ? 6   DA  A "C1'" 1 
ATOM   107 N N9    . DA  A 1 6  ? 1.732   2.839   3.031   1.00 9.77   ? 6   DA  A N9    1 
ATOM   108 C C8    . DA  A 1 6  ? 1.983   3.689   1.985   1.00 9.26   ? 6   DA  A C8    1 
ATOM   109 N N7    . DA  A 1 6  ? 2.111   3.042   0.852   1.00 9.55   ? 6   DA  A N7    1 
ATOM   110 C C5    . DA  A 1 6  ? 1.915   1.673   1.171   1.00 9.16   ? 6   DA  A C5    1 
ATOM   111 C C6    . DA  A 1 6  ? 1.929   0.472   0.394   1.00 8.99   ? 6   DA  A C6    1 
ATOM   112 N N6    . DA  A 1 6  ? 2.134   0.568   -0.931  1.00 8.49   ? 6   DA  A N6    1 
ATOM   113 N N1    . DA  A 1 6  ? 1.709   -0.687  1.088   1.00 9.06   ? 6   DA  A N1    1 
ATOM   114 C C2    . DA  A 1 6  ? 1.520   -0.703  2.387   1.00 8.85   ? 6   DA  A C2    1 
ATOM   115 N N3    . DA  A 1 6  ? 1.458   0.385   3.165   1.00 9.12   ? 6   DA  A N3    1 
ATOM   116 C C4    . DA  A 1 6  ? 1.651   1.544   2.512   1.00 9.21   ? 6   DA  A C4    1 
ATOM   117 P P     . DG  A 1 7  ? 2.830   3.894   8.282   1.00 12.22  ? 7   DG  A P     1 
ATOM   118 O OP1   . DG  A 1 7  ? 2.066   3.727   9.550   1.00 14.20  ? 7   DG  A OP1   1 
ATOM   119 O OP2   . DG  A 1 7  ? 4.097   4.565   8.032   1.00 13.05  ? 7   DG  A OP2   1 
ATOM   120 O "O5'" . DG  A 1 7  ? 3.138   2.280   8.083   1.00 12.46  ? 7   DG  A "O5'" 1 
ATOM   121 C "C5'" . DG  A 1 7  ? 2.109   1.230   8.420   1.00 11.63  ? 7   DG  A "C5'" 1 
ATOM   122 C "C4'" . DG  A 1 7  ? 2.592   -0.062  7.719   1.00 10.76  ? 7   DG  A "C4'" 1 
ATOM   123 O "O4'" . DG  A 1 7  ? 2.859   0.303   6.314   1.00 10.62  ? 7   DG  A "O4'" 1 
ATOM   124 C "C3'" . DG  A 1 7  ? 3.961   -0.442  8.225   1.00 10.54  ? 7   DG  A "C3'" 1 
ATOM   125 O "O3'" . DG  A 1 7  ? 3.956   -1.562  9.112   1.00 10.53  ? 7   DG  A "O3'" 1 
ATOM   126 C "C2'" . DG  A 1 7  ? 4.872   -0.610  6.993   1.00 9.73   ? 7   DG  A "C2'" 1 
ATOM   127 C "C1'" . DG  A 1 7  ? 3.966   -0.551  5.811   1.00 9.46   ? 7   DG  A "C1'" 1 
ATOM   128 N N9    . DG  A 1 7  ? 4.370   -0.057  4.467   1.00 8.61   ? 7   DG  A N9    1 
ATOM   129 C C8    . DG  A 1 7  ? 4.533   1.261   4.107   1.00 8.33   ? 7   DG  A C8    1 
ATOM   130 N N7    . DG  A 1 7  ? 4.811   1.456   2.838   1.00 8.28   ? 7   DG  A N7    1 
ATOM   131 C C5    . DG  A 1 7  ? 4.843   0.137   2.323   1.00 8.11   ? 7   DG  A C5    1 
ATOM   132 C C6    . DG  A 1 7  ? 5.097   -0.324  0.998   1.00 8.11   ? 7   DG  A C6    1 
ATOM   133 O O6    . DG  A 1 7  ? 5.371   0.369   -0.006  1.00 8.04   ? 7   DG  A O6    1 
ATOM   134 N N1    . DG  A 1 7  ? 4.994   -1.725  0.931   1.00 8.19   ? 7   DG  A N1    1 
ATOM   135 C C2    . DG  A 1 7  ? 4.721   -2.548  1.955   1.00 7.94   ? 7   DG  A C2    1 
ATOM   136 N N2    . DG  A 1 7  ? 4.681   -3.904  1.824   1.00 8.92   ? 7   DG  A N2    1 
ATOM   137 N N3    . DG  A 1 7  ? 4.459   -2.124  3.156   1.00 7.85   ? 7   DG  A N3    1 
ATOM   138 C C4    . DG  A 1 7  ? 4.556   -0.791  3.312   1.00 8.10   ? 7   DG  A C4    1 
ATOM   139 P P     . DT  A 1 8  ? 5.173   -2.477  9.582   1.00 12.95  ? 8   DT  A P     1 
ATOM   140 O OP1   . DT  A 1 8  ? 4.701   -3.335  10.768  1.00 11.25  ? 8   DT  A OP1   1 
ATOM   141 O OP2   . DT  A 1 8  ? 6.234   -1.492  9.881   1.00 11.06  ? 8   DT  A OP2   1 
ATOM   142 O "O5'" . DT  A 1 8  ? 5.429   -3.552  8.454   1.00 12.81  ? 8   DT  A "O5'" 1 
ATOM   143 C "C5'" . DT  A 1 8  ? 4.735   -4.468  7.635   1.00 13.76  ? 8   DT  A "C5'" 1 
ATOM   144 C "C4'" . DT  A 1 8  ? 5.700   -4.977  6.578   1.00 14.40  ? 8   DT  A "C4'" 1 
ATOM   145 O "O4'" . DT  A 1 8  ? 6.091   -3.944  5.624   1.00 14.49  ? 8   DT  A "O4'" 1 
ATOM   146 C "C3'" . DT  A 1 8  ? 7.054   -5.352  7.192   1.00 14.75  ? 8   DT  A "C3'" 1 
ATOM   147 O "O3'" . DT  A 1 8  ? 6.776   -6.732  7.592   1.00 16.02  ? 8   DT  A "O3'" 1 
ATOM   148 C "C2'" . DT  A 1 8  ? 8.083   -5.068  6.109   1.00 14.71  ? 8   DT  A "C2'" 1 
ATOM   149 C "C1'" . DT  A 1 8  ? 7.285   -4.542  4.949   1.00 14.12  ? 8   DT  A "C1'" 1 
ATOM   150 N N1    . DT  A 1 8  ? 7.623   -3.406  4.063   1.00 13.78  ? 8   DT  A N1    1 
ATOM   151 C C2    . DT  A 1 8  ? 7.758   -3.574  2.693   1.00 13.39  ? 8   DT  A C2    1 
ATOM   152 O O2    . DT  A 1 8  ? 7.675   -4.715  2.241   1.00 12.79  ? 8   DT  A O2    1 
ATOM   153 N N3    . DT  A 1 8  ? 8.014   -2.411  2.005   1.00 13.38  ? 8   DT  A N3    1 
ATOM   154 C C4    . DT  A 1 8  ? 8.137   -1.131  2.485   1.00 13.47  ? 8   DT  A C4    1 
ATOM   155 O O4    . DT  A 1 8  ? 8.338   -0.028  1.928   1.00 13.63  ? 8   DT  A O4    1 
ATOM   156 C C5    . DT  A 1 8  ? 8.002   -1.012  3.943   1.00 13.65  ? 8   DT  A C5    1 
ATOM   157 C C7    . DT  A 1 8  ? 8.125   0.353   4.606   1.00 13.25  ? 8   DT  A C7    1 
ATOM   158 C C6    . DT  A 1 8  ? 7.726   -2.124  4.665   1.00 13.77  ? 8   DT  A C6    1 
ATOM   159 P P     . DG  A 1 9  ? 7.833   -7.750  8.313   1.00 17.25  ? 9   DG  A P     1 
ATOM   160 O OP1   . DG  A 1 9  ? 6.834   -8.902  8.596   1.00 16.99  ? 9   DG  A OP1   1 
ATOM   161 O OP2   . DG  A 1 9  ? 8.859   -6.918  8.938   1.00 16.23  ? 9   DG  A OP2   1 
ATOM   162 O "O5'" . DG  A 1 9  ? 8.721   -8.224  6.962   1.00 16.19  ? 9   DG  A "O5'" 1 
ATOM   163 C "C5'" . DG  A 1 9  ? 8.301   -8.900  5.753   1.00 15.28  ? 9   DG  A "C5'" 1 
ATOM   164 C "C4'" . DG  A 1 9  ? 9.530   -9.114  4.879   1.00 14.98  ? 9   DG  A "C4'" 1 
ATOM   165 O "O4'" . DG  A 1 9  ? 9.873   -7.932  4.031   1.00 14.81  ? 9   DG  A "O4'" 1 
ATOM   166 C "C3'" . DG  A 1 9  ? 10.875  -9.382  5.545   1.00 14.59  ? 9   DG  A "C3'" 1 
ATOM   167 O "O3'" . DG  A 1 9  ? 11.794  -9.962  4.622   1.00 14.39  ? 9   DG  A "O3'" 1 
ATOM   168 C "C2'" . DG  A 1 9  ? 11.333  -7.918  5.793   1.00 14.59  ? 9   DG  A "C2'" 1 
ATOM   169 C "C1'" . DG  A 1 9  ? 11.105  -7.334  4.382   1.00 14.05  ? 9   DG  A "C1'" 1 
ATOM   170 N N9    . DG  A 1 9  ? 11.080  -5.837  4.302   1.00 13.69  ? 9   DG  A N9    1 
ATOM   171 C C8    . DG  A 1 9  ? 11.111  -4.919  5.338   1.00 13.40  ? 9   DG  A C8    1 
ATOM   172 N N7    . DG  A 1 9  ? 11.173  -3.659  4.908   1.00 13.73  ? 9   DG  A N7    1 
ATOM   173 C C5    . DG  A 1 9  ? 11.163  -3.739  3.514   1.00 13.14  ? 9   DG  A C5    1 
ATOM   174 C C6    . DG  A 1 9  ? 11.167  -2.680  2.525   1.00 13.04  ? 9   DG  A C6    1 
ATOM   175 O O6    . DG  A 1 9  ? 11.193  -1.489  2.862   1.00 12.60  ? 9   DG  A O6    1 
ATOM   176 N N1    . DG  A 1 9  ? 11.114  -3.245  1.288   1.00 12.95  ? 9   DG  A N1    1 
ATOM   177 C C2    . DG  A 1 9  ? 11.094  -4.556  0.996   1.00 13.09  ? 9   DG  A C2    1 
ATOM   178 N N2    . DG  A 1 9  ? 11.060  -4.951  -0.279  1.00 13.56  ? 9   DG  A N2    1 
ATOM   179 N N3    . DG  A 1 9  ? 11.102  -5.572  1.888   1.00 13.29  ? 9   DG  A N3    1 
ATOM   180 C C4    . DG  A 1 9  ? 11.113  -5.054  3.144   1.00 13.27  ? 9   DG  A C4    1 
ATOM   181 P P     . DG  A 1 10 ? 11.942  -11.597 4.538   1.00 14.55  ? 10  DG  A P     1 
ATOM   182 O OP1   . DG  A 1 10 ? 10.528  -12.264 4.637   1.00 15.22  ? 10  DG  A OP1   1 
ATOM   183 O OP2   . DG  A 1 10 ? 13.042  -11.957 5.427   1.00 16.00  ? 10  DG  A OP2   1 
ATOM   184 O "O5'" . DG  A 1 10 ? 12.348  -12.088 3.100   1.00 12.13  ? 10  DG  A "O5'" 1 
ATOM   185 C "C5'" . DG  A 1 10 ? 12.136  -11.775 1.728   1.00 10.14  ? 10  DG  A "C5'" 1 
ATOM   186 C "C4'" . DG  A 1 10 ? 13.448  -11.153 1.256   1.00 9.11   ? 10  DG  A "C4'" 1 
ATOM   187 O "O4'" . DG  A 1 10 ? 13.360  -9.726  1.352   1.00 8.35   ? 10  DG  A "O4'" 1 
ATOM   188 C "C3'" . DG  A 1 10 ? 14.750  -11.541 1.909   1.00 8.25   ? 10  DG  A "C3'" 1 
ATOM   189 O "O3'" . DG  A 1 10 ? 15.462  -12.434 1.005   1.00 8.98   ? 10  DG  A "O3'" 1 
ATOM   190 C "C2'" . DG  A 1 10 ? 15.470  -10.235 2.181   1.00 8.01   ? 10  DG  A "C2'" 1 
ATOM   191 C "C1'" . DG  A 1 10 ? 14.627  -9.136  1.471   1.00 7.66   ? 10  DG  A "C1'" 1 
ATOM   192 N N9    . DG  A 1 10 ? 14.549  -7.856  2.226   1.00 6.84   ? 10  DG  A N9    1 
ATOM   193 C C8    . DG  A 1 10 ? 14.495  -7.658  3.612   1.00 6.36   ? 10  DG  A C8    1 
ATOM   194 N N7    . DG  A 1 10 ? 14.460  -6.383  3.936   1.00 6.52   ? 10  DG  A N7    1 
ATOM   195 C C5    . DG  A 1 10 ? 14.432  -5.670  2.702   1.00 6.30   ? 10  DG  A C5    1 
ATOM   196 C C6    . DG  A 1 10 ? 14.442  -4.291  2.377   1.00 5.84   ? 10  DG  A C6    1 
ATOM   197 O O6    . DG  A 1 10 ? 14.440  -3.357  3.178   1.00 5.83   ? 10  DG  A O6    1 
ATOM   198 N N1    . DG  A 1 10 ? 14.451  -4.068  1.016   1.00 5.43   ? 10  DG  A N1    1 
ATOM   199 C C2    . DG  A 1 10 ? 14.508  -4.981  0.043   1.00 5.38   ? 10  DG  A C2    1 
ATOM   200 N N2    . DG  A 1 10 ? 14.546  -4.750  -1.253  1.00 4.82   ? 10  DG  A N2    1 
ATOM   201 N N3    . DG  A 1 10 ? 14.525  -6.323  0.319   1.00 6.34   ? 10  DG  A N3    1 
ATOM   202 C C4    . DG  A 1 10 ? 14.493  -6.586  1.647   1.00 6.41   ? 10  DG  A C4    1 
ATOM   203 O "O5'" . DC  B 1 1  ? 18.600  0.959   -1.063  1.00 20.78  ? 11  DC  B "O5'" 1 
ATOM   204 C "C5'" . DC  B 1 1  ? 17.958  2.032   -1.896  1.00 20.53  ? 11  DC  B "C5'" 1 
ATOM   205 C "C4'" . DC  B 1 1  ? 17.363  1.450   -3.159  1.00 20.07  ? 11  DC  B "C4'" 1 
ATOM   206 O "O4'" . DC  B 1 1  ? 16.618  0.269   -2.722  1.00 19.95  ? 11  DC  B "O4'" 1 
ATOM   207 C "C3'" . DC  B 1 1  ? 16.376  2.205   -4.019  1.00 20.03  ? 11  DC  B "C3'" 1 
ATOM   208 O "O3'" . DC  B 1 1  ? 16.423  1.670   -5.361  1.00 20.75  ? 11  DC  B "O3'" 1 
ATOM   209 C "C2'" . DC  B 1 1  ? 15.075  1.878   -3.304  1.00 19.84  ? 11  DC  B "C2'" 1 
ATOM   210 C "C1'" . DC  B 1 1  ? 15.161  0.421   -2.806  1.00 19.11  ? 11  DC  B "C1'" 1 
ATOM   211 N N1    . DC  B 1 1  ? 14.870  0.062   -1.403  1.00 18.43  ? 11  DC  B N1    1 
ATOM   212 C C2    . DC  B 1 1  ? 14.844  -1.332  -0.995  1.00 18.25  ? 11  DC  B C2    1 
ATOM   213 O O2    . DC  B 1 1  ? 14.965  -2.156  -1.945  1.00 17.99  ? 11  DC  B O2    1 
ATOM   214 N N3    . DC  B 1 1  ? 14.663  -1.592  0.304   1.00 18.02  ? 11  DC  B N3    1 
ATOM   215 C C4    . DC  B 1 1  ? 14.540  -0.627  1.187   1.00 18.16  ? 11  DC  B C4    1 
ATOM   216 N N4    . DC  B 1 1  ? 14.336  -0.709  2.521   1.00 18.19  ? 11  DC  B N4    1 
ATOM   217 C C5    . DC  B 1 1  ? 14.587  0.796   0.783   1.00 18.15  ? 11  DC  B C5    1 
ATOM   218 C C6    . DC  B 1 1  ? 14.769  1.073   -0.498  1.00 18.04  ? 11  DC  B C6    1 
ATOM   219 P P     . DC  B 1 2  ? 15.409  1.921   -6.575  1.00 21.19  ? 12  DC  B P     1 
ATOM   220 O OP1   . DC  B 1 2  ? 15.873  1.493   -7.903  1.00 21.74  ? 12  DC  B OP1   1 
ATOM   221 O OP2   . DC  B 1 2  ? 14.889  3.319   -6.565  1.00 21.20  ? 12  DC  B OP2   1 
ATOM   222 O "O5'" . DC  B 1 2  ? 14.288  0.789   -6.365  1.00 22.14  ? 12  DC  B "O5'" 1 
ATOM   223 C "C5'" . DC  B 1 2  ? 14.410  -0.540  -6.952  1.00 21.99  ? 12  DC  B "C5'" 1 
ATOM   224 C "C4'" . DC  B 1 2  ? 13.475  -1.475  -6.228  1.00 22.15  ? 12  DC  B "C4'" 1 
ATOM   225 O "O4'" . DC  B 1 2  ? 13.280  -1.049  -4.852  1.00 22.18  ? 12  DC  B "O4'" 1 
ATOM   226 C "C3'" . DC  B 1 2  ? 12.064  -1.531  -6.774  1.00 22.21  ? 12  DC  B "C3'" 1 
ATOM   227 O "O3'" . DC  B 1 2  ? 12.004  -2.200  -8.041  1.00 22.38  ? 12  DC  B "O3'" 1 
ATOM   228 C "C2'" . DC  B 1 2  ? 11.311  -2.186  -5.588  1.00 22.22  ? 12  DC  B "C2'" 1 
ATOM   229 C "C1'" . DC  B 1 2  ? 12.162  -1.915  -4.375  1.00 22.07  ? 12  DC  B "C1'" 1 
ATOM   230 N N1    . DC  B 1 2  ? 11.770  -1.372  -3.059  1.00 21.87  ? 12  DC  B N1    1 
ATOM   231 C C2    . DC  B 1 2  ? 11.517  -2.279  -1.975  1.00 21.72  ? 12  DC  B C2    1 
ATOM   232 O O2    . DC  B 1 2  ? 11.550  -3.491  -2.352  1.00 21.96  ? 12  DC  B O2    1 
ATOM   233 N N3    . DC  B 1 2  ? 11.309  -1.742  -0.772  1.00 21.63  ? 12  DC  B N3    1 
ATOM   234 C C4    . DC  B 1 2  ? 11.341  -0.437  -0.566  1.00 21.52  ? 12  DC  B C4    1 
ATOM   235 N N4    . DC  B 1 2  ? 11.075  0.045   0.646   1.00 21.40  ? 12  DC  B N4    1 
ATOM   236 C C5    . DC  B 1 2  ? 11.645  0.510   -1.629  1.00 21.58  ? 12  DC  B C5    1 
ATOM   237 C C6    . DC  B 1 2  ? 11.861  0.015   -2.851  1.00 21.70  ? 12  DC  B C6    1 
ATOM   238 P P     . DA  B 1 3  ? 10.512  -2.158  -8.700  1.00 22.92  ? 13  DA  B P     1 
ATOM   239 O OP1   . DA  B 1 3  ? 10.644  -2.263  -10.202 1.00 23.74  ? 13  DA  B OP1   1 
ATOM   240 O OP2   . DA  B 1 3  ? 9.690   -1.007  -8.206  1.00 23.09  ? 13  DA  B OP2   1 
ATOM   241 O "O5'" . DA  B 1 3  ? 9.789   -3.515  -8.195  1.00 21.49  ? 13  DA  B "O5'" 1 
ATOM   242 C "C5'" . DA  B 1 3  ? 10.425  -4.833  -8.067  1.00 20.00  ? 13  DA  B "C5'" 1 
ATOM   243 C "C4'" . DA  B 1 3  ? 9.531   -5.601  -7.090  1.00 18.99  ? 13  DA  B "C4'" 1 
ATOM   244 O "O4'" . DA  B 1 3  ? 9.498   -4.929  -5.817  1.00 18.39  ? 13  DA  B "O4'" 1 
ATOM   245 C "C3'" . DA  B 1 3  ? 8.045   -5.607  -7.476  1.00 18.62  ? 13  DA  B "C3'" 1 
ATOM   246 O "O3'" . DA  B 1 3  ? 7.549   -6.848  -6.939  1.00 18.90  ? 13  DA  B "O3'" 1 
ATOM   247 C "C2'" . DA  B 1 3  ? 7.492   -4.389  -6.738  1.00 18.08  ? 13  DA  B "C2'" 1 
ATOM   248 C "C1'" . DA  B 1 3  ? 8.142   -4.664  -5.355  1.00 17.35  ? 13  DA  B "C1'" 1 
ATOM   249 N N9    . DA  B 1 3  ? 8.129   -3.512  -4.444  1.00 16.40  ? 13  DA  B N9    1 
ATOM   250 C C8    . DA  B 1 3  ? 8.192   -2.189  -4.871  1.00 16.23  ? 13  DA  B C8    1 
ATOM   251 N N7    . DA  B 1 3  ? 8.216   -1.309  -3.906  1.00 16.40  ? 13  DA  B N7    1 
ATOM   252 C C5    . DA  B 1 3  ? 8.151   -2.115  -2.723  1.00 16.02  ? 13  DA  B C5    1 
ATOM   253 C C6    . DA  B 1 3  ? 8.122   -1.724  -1.362  1.00 15.94  ? 13  DA  B C6    1 
ATOM   254 N N6    . DA  B 1 3  ? 8.132   -0.399  -1.016  1.00 15.38  ? 13  DA  B N6    1 
ATOM   255 N N1    . DA  B 1 3  ? 8.072   -2.721  -0.511  1.00 15.67  ? 13  DA  B N1    1 
ATOM   256 C C2    . DA  B 1 3  ? 7.996   -3.996  -0.952  1.00 16.03  ? 13  DA  B C2    1 
ATOM   257 N N3    . DA  B 1 3  ? 8.022   -4.489  -2.200  1.00 15.91  ? 13  DA  B N3    1 
ATOM   258 C C4    . DA  B 1 3  ? 8.092   -3.448  -3.063  1.00 16.03  ? 13  DA  B C4    1 
ATOM   259 P P     . DC  B 1 4  ? 6.307   -7.535  -7.618  1.00 20.74  ? 14  DC  B P     1 
ATOM   260 O OP1   . DC  B 1 4  ? 6.338   -9.024  -7.876  1.00 19.90  ? 14  DC  B OP1   1 
ATOM   261 O OP2   . DC  B 1 4  ? 5.996   -6.576  -8.723  1.00 21.10  ? 14  DC  B OP2   1 
ATOM   262 O "O5'" . DC  B 1 4  ? 5.123   -7.435  -6.508  1.00 18.50  ? 14  DC  B "O5'" 1 
ATOM   263 C "C5'" . DC  B 1 4  ? 5.354   -8.485  -5.467  1.00 17.26  ? 14  DC  B "C5'" 1 
ATOM   264 C "C4'" . DC  B 1 4  ? 5.097   -7.882  -4.105  1.00 16.28  ? 14  DC  B "C4'" 1 
ATOM   265 O "O4'" . DC  B 1 4  ? 5.439   -6.428  -4.156  1.00 15.49  ? 14  DC  B "O4'" 1 
ATOM   266 C "C3'" . DC  B 1 4  ? 3.595   -7.851  -3.840  1.00 16.21  ? 14  DC  B "C3'" 1 
ATOM   267 O "O3'" . DC  B 1 4  ? 3.086   -9.113  -3.363  1.00 17.00  ? 14  DC  B "O3'" 1 
ATOM   268 C "C2'" . DC  B 1 4  ? 3.392   -6.630  -3.021  1.00 15.47  ? 14  DC  B "C2'" 1 
ATOM   269 C "C1'" . DC  B 1 4  ? 4.776   -6.028  -2.935  1.00 14.60  ? 14  DC  B "C1'" 1 
ATOM   270 N N1    . DC  B 1 4  ? 4.774   -4.549  -2.814  1.00 13.80  ? 14  DC  B N1    1 
ATOM   271 C C2    . DC  B 1 4  ? 4.918   -3.990  -1.534  1.00 13.10  ? 14  DC  B C2    1 
ATOM   272 O O2    . DC  B 1 4  ? 5.015   -4.902  -0.697  1.00 13.43  ? 14  DC  B O2    1 
ATOM   273 N N3    . DC  B 1 4  ? 4.912   -2.646  -1.437  1.00 12.94  ? 14  DC  B N3    1 
ATOM   274 C C4    . DC  B 1 4  ? 4.772   -1.823  -2.441  1.00 12.26  ? 14  DC  B C4    1 
ATOM   275 N N4    . DC  B 1 4  ? 4.772   -0.491  -2.472  1.00 11.86  ? 14  DC  B N4    1 
ATOM   276 C C5    . DC  B 1 4  ? 4.637   -2.401  -3.735  1.00 12.52  ? 14  DC  B C5    1 
ATOM   277 C C6    . DC  B 1 4  ? 4.659   -3.710  -3.895  1.00 13.16  ? 14  DC  B C6    1 
ATOM   278 P P     . DT  B 1 5  ? 1.567   -9.441  -3.217  1.00 18.19  ? 15  DT  B P     1 
ATOM   279 O OP1   . DT  B 1 5  ? 1.100   -10.870 -3.333  1.00 18.46  ? 15  DT  B OP1   1 
ATOM   280 O OP2   . DT  B 1 5  ? 0.630   -8.397  -3.905  1.00 17.90  ? 15  DT  B OP2   1 
ATOM   281 O "O5'" . DT  B 1 5  ? 1.320   -9.110  -1.640  1.00 16.36  ? 15  DT  B "O5'" 1 
ATOM   282 C "C5'" . DT  B 1 5  ? 2.182   -9.538  -0.536  1.00 14.35  ? 15  DT  B "C5'" 1 
ATOM   283 C "C4'" . DT  B 1 5  ? 1.764   -8.724  0.707   1.00 12.80  ? 15  DT  B "C4'" 1 
ATOM   284 O "O4'" . DT  B 1 5  ? 2.053   -7.294  0.439   1.00 11.63  ? 15  DT  B "O4'" 1 
ATOM   285 C "C3'" . DT  B 1 5  ? 0.290   -8.781  1.030   1.00 12.37  ? 15  DT  B "C3'" 1 
ATOM   286 O "O3'" . DT  B 1 5  ? 0.162   -8.999  2.436   1.00 12.79  ? 15  DT  B "O3'" 1 
ATOM   287 C "C2'" . DT  B 1 5  ? -0.256  -7.406  0.605   1.00 11.79  ? 15  DT  B "C2'" 1 
ATOM   288 C "C1'" . DT  B 1 5  ? 0.885   -6.490  0.783   1.00 11.31  ? 15  DT  B "C1'" 1 
ATOM   289 N N1    . DT  B 1 5  ? 1.019   -5.189  0.002   1.00 10.99  ? 15  DT  B N1    1 
ATOM   290 C C2    . DT  B 1 5  ? 1.223   -4.011  0.692   1.00 10.25  ? 15  DT  B C2    1 
ATOM   291 O O2    . DT  B 1 5  ? 1.199   -4.012  1.917   1.00 10.15  ? 15  DT  B O2    1 
ATOM   292 N N3    . DT  B 1 5  ? 1.344   -2.890  -0.126  1.00 10.20  ? 15  DT  B N3    1 
ATOM   293 C C4    . DT  B 1 5  ? 1.410   -2.816  -1.482  1.00 9.91   ? 15  DT  B C4    1 
ATOM   294 O O4    . DT  B 1 5  ? 1.627   -1.789  -2.114  1.00 9.74   ? 15  DT  B O4    1 
ATOM   295 C C5    . DT  B 1 5  ? 1.186   -4.104  -2.122  1.00 10.65  ? 15  DT  B C5    1 
ATOM   296 C C7    . DT  B 1 5  ? 1.181   -4.171  -3.633  1.00 10.27  ? 15  DT  B C7    1 
ATOM   297 C C6    . DT  B 1 5  ? 1.024   -5.251  -1.391  1.00 10.35  ? 15  DT  B C6    1 
ATOM   298 P P     . DA  B 1 6  ? -1.115  -9.158  3.400   1.00 13.01  ? 16  DA  B P     1 
ATOM   299 O OP1   . DA  B 1 6  ? -0.590  -9.960  4.600   1.00 13.61  ? 16  DA  B OP1   1 
ATOM   300 O OP2   . DA  B 1 6  ? -2.327  -9.316  2.720   1.00 12.75  ? 16  DA  B OP2   1 
ATOM   301 O "O5'" . DA  B 1 6  ? -0.950  -7.634  3.985   1.00 11.13  ? 16  DA  B "O5'" 1 
ATOM   302 C "C5'" . DA  B 1 6  ? -0.505  -7.033  5.155   1.00 9.59   ? 16  DA  B "C5'" 1 
ATOM   303 C "C4'" . DA  B 1 6  ? -1.097  -5.634  5.334   1.00 8.83   ? 16  DA  B "C4'" 1 
ATOM   304 O "O4'" . DA  B 1 6  ? -0.965  -4.813  4.172   1.00 8.47   ? 16  DA  B "O4'" 1 
ATOM   305 C "C3'" . DA  B 1 6  ? -2.607  -5.781  5.544   1.00 7.94   ? 16  DA  B "C3'" 1 
ATOM   306 O "O3'" . DA  B 1 6  ? -2.761  -5.675  6.982   1.00 7.93   ? 16  DA  B "O3'" 1 
ATOM   307 C "C2'" . DA  B 1 6  ? -3.213  -4.823  4.576   1.00 7.81   ? 16  DA  B "C2'" 1 
ATOM   308 C "C1'" . DA  B 1 6  ? -2.113  -3.864  4.083   1.00 7.59   ? 16  DA  B "C1'" 1 
ATOM   309 N N9    . DA  B 1 6  ? -2.116  -3.353  2.702   1.00 6.84   ? 16  DA  B N9    1 
ATOM   310 C C8    . DA  B 1 6  ? -2.304  -4.177  1.597   1.00 7.09   ? 16  DA  B C8    1 
ATOM   311 N N7    . DA  B 1 6  ? -2.240  -3.573  0.432   1.00 6.56   ? 16  DA  B N7    1 
ATOM   312 C C5    . DA  B 1 6  ? -1.960  -2.221  0.768   1.00 5.94   ? 16  DA  B C5    1 
ATOM   313 C C6    . DA  B 1 6  ? -1.758  -1.027  -0.006  1.00 5.68   ? 16  DA  B C6    1 
ATOM   314 N N6    . DA  B 1 6  ? -1.764  -1.022  -1.316  1.00 5.19   ? 16  DA  B N6    1 
ATOM   315 N N1    . DA  B 1 6  ? -1.576  0.062   0.687   1.00 5.76   ? 16  DA  B N1    1 
ATOM   316 C C2    . DA  B 1 6  ? -1.544  0.150   2.035   1.00 5.74   ? 16  DA  B C2    1 
ATOM   317 N N3    . DA  B 1 6  ? -1.674  -0.915  2.803   1.00 6.63   ? 16  DA  B N3    1 
ATOM   318 C C4    . DA  B 1 6  ? -1.873  -2.116  2.138   1.00 6.43   ? 16  DA  B C4    1 
ATOM   319 P P     . DG  B 1 7  ? -3.936  -4.871  7.632   1.00 6.78   ? 17  DG  B P     1 
ATOM   320 O OP1   . DG  B 1 7  ? -3.912  -4.849  9.149   1.00 6.63   ? 17  DG  B OP1   1 
ATOM   321 O OP2   . DG  B 1 7  ? -5.221  -5.622  7.262   1.00 8.67   ? 17  DG  B OP2   1 
ATOM   322 O "O5'" . DG  B 1 7  ? -3.746  -3.389  6.968   1.00 7.12   ? 17  DG  B "O5'" 1 
ATOM   323 C "C5'" . DG  B 1 7  ? -2.981  -2.334  7.606   1.00 7.47   ? 17  DG  B "C5'" 1 
ATOM   324 C "C4'" . DG  B 1 7  ? -3.575  -0.995  7.141   1.00 7.94   ? 17  DG  B "C4'" 1 
ATOM   325 O "O4'" . DG  B 1 7  ? -3.645  -1.099  5.707   1.00 7.79   ? 17  DG  B "O4'" 1 
ATOM   326 C "C3'" . DG  B 1 7  ? -4.997  -0.579  7.495   1.00 8.40   ? 17  DG  B "C3'" 1 
ATOM   327 O "O3'" . DG  B 1 7  ? -4.999  0.775   8.008   1.00 9.20   ? 17  DG  B "O3'" 1 
ATOM   328 C "C2'" . DG  B 1 7  ? -5.772  -0.623  6.187   1.00 7.76   ? 17  DG  B "C2'" 1 
ATOM   329 C "C1'" . DG  B 1 7  ? -4.698  -0.138  5.237   1.00 7.70   ? 17  DG  B "C1'" 1 
ATOM   330 N N9    . DG  B 1 7  ? -4.833  -0.431  3.817   1.00 7.40   ? 17  DG  B N9    1 
ATOM   331 C C8    . DG  B 1 7  ? -5.072  -1.725  3.362   1.00 7.80   ? 17  DG  B C8    1 
ATOM   332 N N7    . DG  B 1 7  ? -5.208  -1.758  2.040   1.00 7.82   ? 17  DG  B N7    1 
ATOM   333 C C5    . DG  B 1 7  ? -4.971  -0.437  1.626   1.00 7.44   ? 17  DG  B C5    1 
ATOM   334 C C6    . DG  B 1 7  ? -4.931  0.146   0.315   1.00 7.60   ? 17  DG  B C6    1 
ATOM   335 O O6    . DG  B 1 7  ? -5.043  -0.576  -0.674  1.00 8.06   ? 17  DG  B O6    1 
ATOM   336 N N1    . DG  B 1 7  ? -4.657  1.510   0.341   1.00 7.28   ? 17  DG  B N1    1 
ATOM   337 C C2    . DG  B 1 7  ? -4.491  2.236   1.423   1.00 7.28   ? 17  DG  B C2    1 
ATOM   338 N N2    . DG  B 1 7  ? -4.303  3.577   1.419   1.00 7.62   ? 17  DG  B N2    1 
ATOM   339 N N3    . DG  B 1 7  ? -4.468  1.724   2.658   1.00 7.63   ? 17  DG  B N3    1 
ATOM   340 C C4    . DG  B 1 7  ? -4.729  0.375   2.705   1.00 7.55   ? 17  DG  B C4    1 
ATOM   341 P P     . DT  B 1 8  ? -6.211  1.345   8.835   1.00 12.38  ? 18  DT  B P     1 
ATOM   342 O OP1   . DT  B 1 8  ? -5.292  2.229   9.633   1.00 13.81  ? 18  DT  B OP1   1 
ATOM   343 O OP2   . DT  B 1 8  ? -7.295  0.462   9.190   1.00 13.66  ? 18  DT  B OP2   1 
ATOM   344 O "O5'" . DT  B 1 8  ? -6.958  2.597   7.968   1.00 11.41  ? 18  DT  B "O5'" 1 
ATOM   345 C "C5'" . DT  B 1 8  ? -5.948  3.202   7.118   1.00 11.09  ? 18  DT  B "C5'" 1 
ATOM   346 C "C4'" . DT  B 1 8  ? -6.530  4.104   6.052   1.00 10.80  ? 18  DT  B "C4'" 1 
ATOM   347 O "O4'" . DT  B 1 8  ? -6.450  3.396   4.797   1.00 10.38  ? 18  DT  B "O4'" 1 
ATOM   348 C "C3'" . DT  B 1 8  ? -8.005  4.436   6.273   1.00 11.04  ? 18  DT  B "C3'" 1 
ATOM   349 O "O3'" . DT  B 1 8  ? -8.103  5.900   6.250   1.00 12.39  ? 18  DT  B "O3'" 1 
ATOM   350 C "C2'" . DT  B 1 8  ? -8.719  3.659   5.187   1.00 10.38  ? 18  DT  B "C2'" 1 
ATOM   351 C "C1'" . DT  B 1 8  ? -7.658  3.692   4.074   1.00 9.42   ? 18  DT  B "C1'" 1 
ATOM   352 N N1    . DT  B 1 8  ? -7.828  2.758   2.970   1.00 8.76   ? 18  DT  B N1    1 
ATOM   353 C C2    . DT  B 1 8  ? -7.749  3.120   1.630   1.00 8.41   ? 18  DT  B C2    1 
ATOM   354 O O2    . DT  B 1 8  ? -7.485  4.295   1.366   1.00 8.46   ? 18  DT  B O2    1 
ATOM   355 N N3    . DT  B 1 8  ? -7.933  2.069   0.799   1.00 8.42   ? 18  DT  B N3    1 
ATOM   356 C C4    . DT  B 1 8  ? -8.233  0.755   1.114   1.00 8.24   ? 18  DT  B C4    1 
ATOM   357 O O4    . DT  B 1 8  ? -8.391  -0.140  0.293   1.00 8.31   ? 18  DT  B O4    1 
ATOM   358 C C5    . DT  B 1 8  ? -8.310  0.460   2.489   1.00 8.12   ? 18  DT  B C5    1 
ATOM   359 C C7    . DT  B 1 8  ? -8.658  -0.901  3.048   1.00 8.21   ? 18  DT  B C7    1 
ATOM   360 C C6    . DT  B 1 8  ? -8.125  1.436   3.345   1.00 8.75   ? 18  DT  B C6    1 
ATOM   361 P P     . DG  B 1 9  ? -9.377  6.483   7.025   1.00 12.74  ? 19  DG  B P     1 
ATOM   362 O OP1   . DG  B 1 9  ? -8.768  7.563   7.787   1.00 13.65  ? 19  DG  B OP1   1 
ATOM   363 O OP2   . DG  B 1 9  ? -10.404 5.548   7.334   1.00 12.34  ? 19  DG  B OP2   1 
ATOM   364 O "O5'" . DG  B 1 9  ? -9.984  7.311   5.708   1.00 12.06  ? 19  DG  B "O5'" 1 
ATOM   365 C "C5'" . DG  B 1 9  ? -8.929  8.017   4.932   1.00 10.57  ? 19  DG  B "C5'" 1 
ATOM   366 C "C4'" . DG  B 1 9  ? -9.517  8.400   3.617   1.00 9.59   ? 19  DG  B "C4'" 1 
ATOM   367 O "O4'" . DG  B 1 9  ? -9.592  7.389   2.637   1.00 9.20   ? 19  DG  B "O4'" 1 
ATOM   368 C "C3'" . DG  B 1 9  ? -10.915 9.019   3.682   1.00 9.63   ? 19  DG  B "C3'" 1 
ATOM   369 O "O3'" . DG  B 1 9  ? -10.708 10.361  3.096   1.00 9.77   ? 19  DG  B "O3'" 1 
ATOM   370 C "C2'" . DG  B 1 9  ? -11.818 8.013   3.010   1.00 8.64   ? 19  DG  B "C2'" 1 
ATOM   371 C "C1'" . DG  B 1 9  ? -10.904 7.231   2.131   1.00 7.27   ? 19  DG  B "C1'" 1 
ATOM   372 N N9    . DG  B 1 9  ? -11.026 5.761   2.038   1.00 6.41   ? 19  DG  B N9    1 
ATOM   373 C C8    . DG  B 1 9  ? -11.231 4.787   3.065   1.00 5.95   ? 19  DG  B C8    1 
ATOM   374 N N7    . DG  B 1 9  ? -11.253 3.550   2.569   1.00 5.55   ? 19  DG  B N7    1 
ATOM   375 C C5    . DG  B 1 9  ? -11.136 3.677   1.189   1.00 5.20   ? 19  DG  B C5    1 
ATOM   376 C C6    . DG  B 1 9  ? -11.091 2.687   0.174   1.00 5.24   ? 19  DG  B C6    1 
ATOM   377 O O6    . DG  B 1 9  ? -11.277 1.444   0.344   1.00 4.29   ? 19  DG  B O6    1 
ATOM   378 N N1    . DG  B 1 9  ? -10.874 3.268   -1.064  1.00 5.35   ? 19  DG  B N1    1 
ATOM   379 C C2    . DG  B 1 9  ? -10.812 4.655   -1.312  1.00 5.56   ? 19  DG  B C2    1 
ATOM   380 N N2    . DG  B 1 9  ? -10.677 5.201   -2.500  1.00 5.11   ? 19  DG  B N2    1 
ATOM   381 N N3    . DG  B 1 9  ? -10.821 5.626   -0.348  1.00 5.29   ? 19  DG  B N3    1 
ATOM   382 C C4    . DG  B 1 9  ? -11.012 5.049   0.862   1.00 5.51   ? 19  DG  B C4    1 
ATOM   383 P P     . DG  B 1 10 ? -11.999 11.159  2.916   1.00 11.49  ? 20  DG  B P     1 
ATOM   384 O OP1   . DG  B 1 10 ? -11.518 12.646  2.692   1.00 12.38  ? 20  DG  B OP1   1 
ATOM   385 O OP2   . DG  B 1 10 ? -12.911 11.071  4.059   1.00 11.29  ? 20  DG  B OP2   1 
ATOM   386 O "O5'" . DG  B 1 10 ? -12.701 10.684  1.571   1.00 10.80  ? 20  DG  B "O5'" 1 
ATOM   387 C "C5'" . DG  B 1 10 ? -12.372 11.269  0.305   1.00 9.86   ? 20  DG  B "C5'" 1 
ATOM   388 C "C4'" . DG  B 1 10 ? -13.179 10.594  -0.793  1.00 9.71   ? 20  DG  B "C4'" 1 
ATOM   389 O "O4'" . DG  B 1 10 ? -13.025 9.131   -0.502  1.00 9.48   ? 20  DG  B "O4'" 1 
ATOM   390 C "C3'" . DG  B 1 10 ? -14.654 10.914  -0.629  1.00 9.30   ? 20  DG  B "C3'" 1 
ATOM   391 O "O3'" . DG  B 1 10 ? -15.355 11.225  -1.822  1.00 9.04   ? 20  DG  B "O3'" 1 
ATOM   392 C "C2'" . DG  B 1 10 ? -15.130 9.628   0.198   1.00 8.87   ? 20  DG  B "C2'" 1 
ATOM   393 C "C1'" . DG  B 1 10 ? -14.368 8.567   -0.573  1.00 8.25   ? 20  DG  B "C1'" 1 
ATOM   394 N N9    . DG  B 1 10 ? -14.402 7.190   -0.053  1.00 7.97   ? 20  DG  B N9    1 
ATOM   395 C C8    . DG  B 1 10 ? -14.454 6.790   1.288   1.00 7.32   ? 20  DG  B C8    1 
ATOM   396 N N7    . DG  B 1 10 ? -14.466 5.473   1.400   1.00 7.43   ? 20  DG  B N7    1 
ATOM   397 C C5    . DG  B 1 10 ? -14.413 4.951   0.145   1.00 7.13   ? 20  DG  B C5    1 
ATOM   398 C C6    . DG  B 1 10 ? -14.409 3.627   -0.291  1.00 7.17   ? 20  DG  B C6    1 
ATOM   399 O O6    . DG  B 1 10 ? -14.456 2.609   0.459   1.00 7.69   ? 20  DG  B O6    1 
ATOM   400 N N1    . DG  B 1 10 ? -14.295 3.537   -1.662  1.00 7.25   ? 20  DG  B N1    1 
ATOM   401 C C2    . DG  B 1 10 ? -14.236 4.593   -2.520  1.00 6.97   ? 20  DG  B C2    1 
ATOM   402 N N2    . DG  B 1 10 ? -14.082 4.681   -3.791  1.00 6.90   ? 20  DG  B N2    1 
ATOM   403 N N3    . DG  B 1 10 ? -14.305 5.857   -2.114  1.00 7.57   ? 20  DG  B N3    1 
ATOM   404 C C4    . DG  B 1 10 ? -14.367 5.998   -0.767  1.00 7.53   ? 20  DG  B C4    1 
HETATM 405 O O     . HOH C 2 .  ? 14.716  -11.278 5.951   1.00 37.95  ? 101 HOH A O     1 
HETATM 406 O O     . HOH C 2 .  ? 9.683   -13.983 4.079   1.00 43.17  ? 102 HOH A O     1 
HETATM 407 O O     . HOH C 2 .  ? 16.798  -13.910 1.147   1.00 29.15  ? 103 HOH A O     1 
HETATM 408 O O     . HOH C 2 .  ? 14.400  -3.311  5.488   1.00 30.25  ? 104 HOH A O     1 
HETATM 409 O O     . HOH C 2 .  ? 11.445  -6.183  -2.289  1.00 31.10  ? 105 HOH A O     1 
HETATM 410 O O     . HOH C 2 .  ? 5.532   3.236   6.654   1.00 27.59  ? 106 HOH A O     1 
HETATM 411 O O     . HOH C 2 .  ? 6.212   -6.649  1.932   1.00 46.89  ? 107 HOH A O     1 
HETATM 412 O O     . HOH C 2 .  ? -2.237  13.495  -0.746  1.00 26.31  ? 108 HOH A O     1 
HETATM 413 O O     . HOH C 2 .  ? -6.716  2.217   -9.178  1.00 26.13  ? 109 HOH A O     1 
HETATM 414 O O     . HOH C 2 .  ? -12.413 0.894   -12.330 1.00 11.97  ? 110 HOH A O     1 
HETATM 415 O O     . HOH C 2 .  ? -13.663 -4.363  -11.848 1.00 11.55  ? 111 HOH A O     1 
HETATM 416 O O     . HOH C 2 .  ? -15.117 -6.576  -5.335  1.00 59.91  ? 112 HOH A O     1 
HETATM 417 O O     . HOH C 2 .  ? -5.082  10.422  -1.849  1.00 22.36  ? 113 HOH A O     1 
HETATM 418 O O     . HOH C 2 .  ? -2.332  3.441   4.350   1.00 16.09  ? 114 HOH A O     1 
HETATM 419 O O     . HOH C 2 .  ? 5.001   -5.934  11.268  1.00 12.98  ? 115 HOH A O     1 
HETATM 420 O O     . HOH C 2 .  ? 1.077   7.722   -2.556  1.00 20.41  ? 116 HOH A O     1 
HETATM 421 O O     . HOH C 2 .  ? 5.780   3.064   0.114   1.00 31.86  ? 117 HOH A O     1 
HETATM 422 O O     . HOH C 2 .  ? -0.107  -0.216  5.331   1.00 13.63  ? 118 HOH A O     1 
HETATM 423 O O     . HOH C 2 .  ? 2.869   3.638   -1.716  1.00 38.06  ? 119 HOH A O     1 
HETATM 424 O O     . HOH C 2 .  ? -0.808  0.750   -4.986  1.00 17.55  ? 120 HOH A O     1 
HETATM 425 O O     . HOH C 2 .  ? 7.157   -11.623 9.170   1.00 34.57  ? 121 HOH A O     1 
HETATM 426 O O     . HOH C 2 .  ? 8.135   2.727   2.462   1.00 3.50   ? 122 HOH A O     1 
HETATM 427 O O     . HOH C 2 .  ? 13.566  -8.144  -1.617  1.00 41.64  ? 123 HOH A O     1 
HETATM 428 O O     . HOH C 2 .  ? 11.762  0.503   4.838   1.00 10.03  ? 124 HOH A O     1 
HETATM 429 O O     . HOH C 2 .  ? -2.424  9.884   4.692   1.00 28.65  ? 125 HOH A O     1 
HETATM 430 O O     . HOH C 2 .  ? -6.961  -1.826  -4.243  1.00 26.11  ? 126 HOH A O     1 
HETATM 431 O O     . HOH C 2 .  ? -5.104  5.901   -11.095 1.00 45.77  ? 127 HOH A O     1 
HETATM 432 O O     . HOH C 2 .  ? 4.467   -6.150  3.776   1.00 24.37  ? 128 HOH A O     1 
HETATM 433 O O     . HOH C 2 .  ? 3.489   6.660   1.427   1.00 27.67  ? 129 HOH A O     1 
HETATM 434 O O     . HOH C 2 .  ? -3.285  -0.764  -5.546  1.00 19.00  ? 130 HOH A O     1 
HETATM 435 O O     . HOH C 2 .  ? 4.267   -1.408  13.421  1.00 26.66  ? 131 HOH A O     1 
HETATM 436 O O     . HOH C 2 .  ? -7.822  7.831   -3.733  1.00 48.36  ? 132 HOH A O     1 
HETATM 437 O O     . HOH C 2 .  ? 13.289  -6.468  7.107   1.00 67.42  ? 133 HOH A O     1 
HETATM 438 O O     . HOH C 2 .  ? 4.001   9.568   5.205   1.00 28.11  ? 134 HOH A O     1 
HETATM 439 O O     . HOH C 2 .  ? 3.719   -4.245  13.932  1.00 54.30  ? 135 HOH A O     1 
HETATM 440 O O     . HOH C 2 .  ? 8.129   -5.075  11.889  1.00 26.28  ? 136 HOH A O     1 
HETATM 441 O O     . HOH C 2 .  ? -17.257 1.805   -7.803  1.00 30.91  ? 137 HOH A O     1 
HETATM 442 O O     . HOH C 2 .  ? -10.557 0.706   -12.826 1.00 20.69  ? 138 HOH A O     1 
HETATM 443 O O     . HOH C 2 .  ? -1.286  12.508  -5.364  1.00 42.16  ? 139 HOH A O     1 
HETATM 444 O O     . HOH C 2 .  ? -2.343  11.330  -9.638  1.00 28.50  ? 140 HOH A O     1 
HETATM 445 O O     . HOH C 2 .  ? -1.751  2.137   6.754   1.00 6.85   ? 141 HOH A O     1 
HETATM 446 O O     . HOH C 2 .  ? -0.826  8.288   -9.643  1.00 31.67  ? 142 HOH A O     1 
HETATM 447 O O     . HOH C 2 .  ? 9.075   -3.037  11.945  1.00 33.39  ? 143 HOH A O     1 
HETATM 448 O O     . HOH C 2 .  ? -11.629 -5.996  -11.016 1.00 30.22  ? 144 HOH A O     1 
HETATM 449 O O     . HOH C 2 .  ? 5.827   3.088   11.250  1.00 29.13  ? 145 HOH A O     1 
HETATM 450 O O     . HOH C 2 .  ? 6.590   5.999   10.831  1.00 32.76  ? 146 HOH A O     1 
HETATM 451 O O     . HOH C 2 .  ? 10.627  -11.630 8.735   1.00 58.46  ? 147 HOH A O     1 
HETATM 452 O O     . HOH C 2 .  ? -4.670  4.060   -12.745 1.00 59.30  ? 148 HOH A O     1 
HETATM 453 O O     . HOH C 2 .  ? -10.447 -3.174  -12.951 1.00 40.43  ? 149 HOH A O     1 
HETATM 454 O O     . HOH C 2 .  ? 5.543   5.677   4.202   1.00 24.90  ? 150 HOH A O     1 
HETATM 455 O O     . HOH C 2 .  ? 2.141   2.527   -5.030  1.00 34.69  ? 151 HOH A O     1 
HETATM 456 O O     . HOH C 2 .  ? -12.360 2.389   -14.110 1.00 94.74  ? 152 HOH A O     1 
HETATM 457 O O     . HOH C 2 .  ? -4.973  8.429   3.689   1.00 33.52  ? 153 HOH A O     1 
HETATM 458 O O     . HOH C 2 .  ? -5.559  9.992   1.066   1.00 50.26  ? 154 HOH A O     1 
HETATM 459 O O     . HOH C 2 .  ? -15.837 1.853   -15.345 1.00 62.86  ? 155 HOH A O     1 
HETATM 460 O O     . HOH C 2 .  ? 0.115   2.245   -7.289  1.00 17.78  ? 156 HOH A O     1 
HETATM 461 O O     . HOH C 2 .  ? 2.554   4.475   -9.177  1.00 29.85  ? 157 HOH A O     1 
HETATM 462 O O     . HOH D 2 .  ? -11.704 2.211   4.155   1.00 40.54  ? 101 HOH B O     1 
HETATM 463 O O     . HOH D 2 .  ? -17.694 11.327  -2.438  1.00 17.26  ? 102 HOH B O     1 
HETATM 464 O O     . HOH D 2 .  ? 8.464   -6.805  -2.784  1.00 27.01  ? 103 HOH B O     1 
HETATM 465 O O     . HOH D 2 .  ? -10.729 8.387   -1.077  1.00 19.30  ? 104 HOH B O     1 
HETATM 466 O O     . HOH D 2 .  ? 2.148   -3.707  4.227   1.00 10.24  ? 105 HOH B O     1 
HETATM 467 O O     . HOH D 2 .  ? 7.254   -1.403  -7.699  1.00 32.82  ? 106 HOH B O     1 
HETATM 468 O O     . HOH D 2 .  ? 1.950   -10.262 4.452   1.00 16.02  ? 107 HOH B O     1 
HETATM 469 O O     . HOH D 2 .  ? 3.595   -6.715  -9.659  1.00 27.88  ? 108 HOH B O     1 
HETATM 470 O O     . HOH D 2 .  ? 1.036   -1.245  -4.584  1.00 17.15  ? 109 HOH B O     1 
HETATM 471 O O     . HOH D 2 .  ? -2.707  -5.519  -1.270  1.00 40.45  ? 110 HOH B O     1 
HETATM 472 O O     . HOH D 2 .  ? -14.628 1.127   2.662   1.00 19.02  ? 111 HOH B O     1 
HETATM 473 O O     . HOH D 2 .  ? -5.457  -3.033  10.424  1.00 20.27  ? 112 HOH B O     1 
HETATM 474 O O     . HOH D 2 .  ? -6.960  -6.376  9.235   1.00 8.98   ? 113 HOH B O     1 
HETATM 475 O O     . HOH D 2 .  ? -4.523  -8.461  1.325   1.00 32.76  ? 114 HOH B O     1 
HETATM 476 O O     . HOH D 2 .  ? -6.113  -3.987  0.731   1.00 16.77  ? 115 HOH B O     1 
HETATM 477 O O     . HOH D 2 .  ? -5.357  -7.141  4.944   1.00 26.40  ? 116 HOH B O     1 
HETATM 478 O O     . HOH D 2 .  ? -3.754  5.605   3.238   1.00 24.02  ? 117 HOH B O     1 
HETATM 479 O O     . HOH D 2 .  ? 7.948   1.672   -2.882  1.00 27.39  ? 118 HOH B O     1 
HETATM 480 O O     . HOH D 2 .  ? 15.348  0.463   -10.457 1.00 34.30  ? 119 HOH B O     1 
HETATM 481 O O     . HOH D 2 .  ? -11.253 3.267   5.933   1.00 37.93  ? 120 HOH B O     1 
HETATM 482 O O     . HOH D 2 .  ? -13.254 12.238  6.601   1.00 28.79  ? 121 HOH B O     1 
HETATM 483 O O     . HOH D 2 .  ? 5.582   -9.465  -10.567 1.00 29.57  ? 122 HOH B O     1 
HETATM 484 O O     . HOH D 2 .  ? -6.975  -4.164  5.460   1.00 2.00   ? 123 HOH B O     1 
HETATM 485 O O     . HOH D 2 .  ? -5.214  -2.949  -2.348  1.00 12.89  ? 124 HOH B O     1 
HETATM 486 O O     . HOH D 2 .  ? 0.596   -12.669 4.802   1.00 34.85  ? 125 HOH B O     1 
HETATM 487 O O     . HOH D 2 .  ? -6.688  7.144   0.980   1.00 10.01  ? 126 HOH B O     1 
HETATM 488 O O     . HOH D 2 .  ? 12.980  1.643   3.772   1.00 37.07  ? 127 HOH B O     1 
HETATM 489 O O     . HOH D 2 .  ? 19.670  -0.469  -3.464  1.00 28.81  ? 128 HOH B O     1 
HETATM 490 O O     . HOH D 2 .  ? -8.371  -0.297  11.894  1.00 41.25  ? 129 HOH B O     1 
HETATM 491 O O     . HOH D 2 .  ? -1.629  -11.291 0.540   1.00 43.47  ? 130 HOH B O     1 
HETATM 492 O O     . HOH D 2 .  ? 17.822  4.040   -7.045  1.00 45.16  ? 131 HOH B O     1 
HETATM 493 O O     . HOH D 2 .  ? -2.854  -3.240  -3.195  1.00 7.96   ? 132 HOH B O     1 
HETATM 494 O O     . HOH D 2 .  ? -13.638 5.454   4.552   1.00 25.16  ? 133 HOH B O     1 
HETATM 495 O O     . HOH D 2 .  ? 8.078   -0.863  -11.712 1.00 33.16  ? 134 HOH B O     1 
HETATM 496 O O     . HOH D 2 .  ? -8.920  -0.057  6.346   1.00 16.96  ? 135 HOH B O     1 
HETATM 497 O O     . HOH D 2 .  ? -7.097  -4.154  3.345   1.00 28.90  ? 136 HOH B O     1 
HETATM 498 O O     . HOH D 2 .  ? 8.642   2.145   -8.168  1.00 100.90 ? 137 HOH B O     1 
HETATM 499 O O     . HOH D 2 .  ? 15.812  6.505   -5.997  1.00 48.22  ? 138 HOH B O     1 
HETATM 500 O O     . HOH D 2 .  ? 16.456  5.176   -8.948  1.00 13.06  ? 139 HOH B O     1 
HETATM 501 O O     . HOH D 2 .  ? 4.487   -12.195 -3.852  1.00 55.92  ? 140 HOH B O     1 
HETATM 502 O O     . HOH D 2 .  ? -9.822  14.365  5.140   1.00 35.34  ? 141 HOH B O     1 
HETATM 503 O O     . HOH D 2 .  ? -13.012 8.221   7.096   1.00 32.83  ? 142 HOH B O     1 
HETATM 504 O O     . HOH D 2 .  ? 10.874  1.389   -5.501  1.00 40.02  ? 143 HOH B O     1 
HETATM 505 O O     . HOH D 2 .  ? -1.959  3.174   9.160   1.00 36.27  ? 144 HOH B O     1 
HETATM 506 O O     . HOH D 2 .  ? -8.242  10.583  0.496   1.00 46.08  ? 145 HOH B O     1 
HETATM 507 O O     . HOH D 2 .  ? 18.286  -1.531  -5.357  1.00 9.30   ? 146 HOH B O     1 
HETATM 508 O O     . HOH D 2 .  ? -11.423 10.311  7.291   1.00 40.04  ? 147 HOH B O     1 
HETATM 509 O O     . HOH D 2 .  ? -7.599  8.787   11.066  1.00 34.43  ? 148 HOH B O     1 
HETATM 510 O O     . HOH D 2 .  ? -2.978  -9.049  -4.399  0.50 43.29  ? 149 HOH B O     1 
HETATM 511 O O     . HOH D 2 .  ? 9.937   -6.382  -10.690 1.00 46.23  ? 150 HOH B O     1 
HETATM 512 O O     . HOH D 2 .  ? 3.829   -3.757  -6.792  1.00 58.64  ? 151 HOH B O     1 
HETATM 513 O O     . HOH D 2 .  ? 2.614   -12.284 2.058   1.00 51.35  ? 152 HOH B O     1 
HETATM 514 O O     . HOH D 2 .  ? 4.676   -10.554 0.378   1.00 30.64  ? 153 HOH B O     1 
HETATM 515 O O     . HOH D 2 .  ? 6.081   -2.295  -9.879  1.00 48.66  ? 154 HOH B O     1 
HETATM 516 O O     . HOH D 2 .  ? -8.457  -2.805  6.759   1.00 6.85   ? 155 HOH B O     1 
HETATM 517 O O     . HOH D 2 .  ? 10.538  -9.524  -8.789  1.00 22.56  ? 156 HOH B O     1 
HETATM 518 O O     . HOH D 2 .  ? -6.462  11.322  6.110   1.00 50.08  ? 157 HOH B O     1 
HETATM 519 O O     . HOH D 2 .  ? -16.692 10.582  6.866   1.00 47.81  ? 158 HOH B O     1 
HETATM 520 O O     . HOH D 2 .  ? -4.286  7.079   9.869   1.00 25.20  ? 159 HOH B O     1 
HETATM 521 O O     . HOH D 2 .  ? 5.440   1.564   -7.269  1.00 32.32  ? 160 HOH B O     1 
HETATM 522 O O     . HOH D 2 .  ? -2.572  -3.589  -5.854  1.00 32.58  ? 161 HOH B O     1 
HETATM 523 O O     . HOH D 2 .  ? -9.442  12.957  8.129   1.00 47.21  ? 162 HOH B O     1 
HETATM 524 O O     . HOH D 2 .  ? -8.230  11.956  -1.650  1.00 23.68  ? 163 HOH B O     1 
HETATM 525 O O     . HOH D 2 .  ? -14.900 10.576  10.478  1.00 30.61  ? 164 HOH B O     1 
# 
